data_3K4D
#
_entry.id   3K4D
#
_cell.length_a   167.653
_cell.length_b   76.971
_cell.length_c   125.468
_cell.angle_alpha   90.00
_cell.angle_beta   124.98
_cell.angle_gamma   90.00
#
_symmetry.space_group_name_H-M   'C 1 2 1'
#
loop_
_entity.id
_entity.type
_entity.pdbx_description
1 polymer Beta-glucuronidase
2 non-polymer '(2S,3R,4S,5R)-3,4,5-trihydroxy-6-oxopiperidine-2-carboxylic acid'
3 water water
#
_entity_poly.entity_id   1
_entity_poly.type   'polypeptide(L)'
_entity_poly.pdbx_seq_one_letter_code
;SHMLRPVETPTREIKKLDGLWAFSLDRENCGIDQRWWESALQESRAIAVPGSFNDQFADADIRNYAGNVWYQREVFIPKG
WAGQRIVLRFDAVTHYGKVWVNNQEVMEHQGGYTPFEADVTPYVIAGKSVRITVCVNNELNWQTIPPGMVITDENGKKKQ
SYFHDFFNYAGIHRSVMLYTTPNTWVDDITVVTHVAQDCNHASVDWQVVANGDVSVELRDADQQVVATGQGTSGTLQVVN
PHLWQPGEGYLYELCVTAKSQTECDIYPLRVGIRSVAVKGEQFLINHKPFYFTGFGRHEDADLRGKGFDNVLMVHDHALM
DWIGANSYRTSHYPYAEEMLDWADEHGIVVIDETAAVGFNLSLGIGFEAGNKPKELYSEEAVNGETQQAHLQAIKELIAR
DKNHPSVVMWSIANEPDTRPQGAREYFAPLAEATRKLDPTRPITCVNVMFCDAHTDTISDLFDVLCLNRYYGWYVQSGDL
ETAEKVLEKELLAWQEKLHQPIIITEYGVDTLAGLHSMYTDMWSEEYQCAWLDMYHRVFDRVSAVVGEQVWNFADFATSQ
GILRVGGNKKGIFTRDRKPKSAAFLLQKRWTGMNFGEKPQQGGKQ
;
_entity_poly.pdbx_strand_id   A,B
#
# COMPACT_ATOMS: atom_id res chain seq x y z
N SER A 1 -18.68 18.64 15.55
CA SER A 1 -19.97 18.19 14.94
C SER A 1 -20.23 16.70 15.24
N HIS A 2 -20.83 16.01 14.27
CA HIS A 2 -21.25 14.62 14.39
C HIS A 2 -20.55 13.84 13.30
N MET A 3 -20.20 12.61 13.61
CA MET A 3 -19.48 11.79 12.65
C MET A 3 -20.10 10.41 12.54
N LEU A 4 -20.67 10.16 11.37
CA LEU A 4 -21.00 8.80 11.01
C LEU A 4 -19.98 8.31 10.01
N ARG A 5 -19.77 7.00 9.96
CA ARG A 5 -18.81 6.42 9.04
C ARG A 5 -19.46 6.12 7.69
N PRO A 6 -18.93 6.72 6.60
CA PRO A 6 -19.50 6.50 5.26
C PRO A 6 -19.64 5.03 4.86
N VAL A 7 -20.90 4.59 4.70
CA VAL A 7 -21.22 3.29 4.10
C VAL A 7 -22.09 3.52 2.88
N GLU A 8 -22.07 2.55 2.00
CA GLU A 8 -22.84 2.62 0.81
C GLU A 8 -24.15 1.92 0.88
N THR A 9 -25.11 2.53 0.19
CA THR A 9 -26.39 1.90 -0.13
C THR A 9 -27.13 2.97 -0.93
N PRO A 10 -28.05 3.67 -0.27
CA PRO A 10 -28.67 4.85 -0.86
C PRO A 10 -27.55 5.86 -1.01
N THR A 11 -26.69 5.88 0.01
CA THR A 11 -25.52 6.69 0.08
C THR A 11 -24.33 6.10 -0.71
N ARG A 12 -23.62 6.94 -1.48
CA ARG A 12 -22.44 6.45 -2.24
C ARG A 12 -21.10 7.21 -2.16
N GLU A 13 -19.98 6.47 -2.28
CA GLU A 13 -18.61 7.04 -2.19
C GLU A 13 -17.87 7.04 -3.51
N ILE A 14 -17.23 8.16 -3.83
CA ILE A 14 -16.15 8.16 -4.81
C ILE A 14 -14.88 8.19 -3.97
N LYS A 15 -13.91 7.37 -4.35
CA LYS A 15 -12.75 7.14 -3.51
C LYS A 15 -11.87 8.39 -3.42
N LYS A 16 -11.31 8.85 -4.53
CA LYS A 16 -10.35 9.96 -4.50
C LYS A 16 -9.37 9.73 -3.37
N LEU A 17 -9.06 8.44 -3.19
CA LEU A 17 -8.06 8.01 -2.25
C LEU A 17 -7.25 7.28 -3.32
N ASP A 18 -7.70 7.42 -4.58
CA ASP A 18 -6.81 7.26 -5.73
C ASP A 18 -5.62 8.08 -5.25
N GLY A 19 -4.42 7.61 -5.49
CA GLY A 19 -3.31 8.11 -4.70
C GLY A 19 -2.57 9.28 -5.28
N LEU A 20 -2.51 9.37 -6.59
CA LEU A 20 -1.59 10.31 -7.19
C LEU A 20 -2.13 11.75 -7.16
N TRP A 21 -1.54 12.58 -6.30
CA TRP A 21 -1.86 14.00 -6.20
C TRP A 21 -0.61 14.83 -6.45
N ALA A 22 -0.82 16.08 -6.87
CA ALA A 22 0.28 17.02 -7.01
C ALA A 22 0.71 17.49 -5.63
N PHE A 23 2.01 17.69 -5.46
CA PHE A 23 2.56 18.02 -4.17
C PHE A 23 3.77 18.96 -4.26
N SER A 24 3.79 19.98 -3.40
CA SER A 24 4.97 20.83 -3.28
C SER A 24 5.10 21.35 -1.88
N LEU A 25 6.33 21.68 -1.52
CA LEU A 25 6.58 22.32 -0.24
C LEU A 25 6.28 23.79 -0.40
N ASP A 26 6.05 24.44 0.72
CA ASP A 26 5.82 25.87 0.74
C ASP A 26 6.86 26.46 1.66
N ARG A 27 8.12 26.43 1.21
CA ARG A 27 9.24 26.79 2.07
C ARG A 27 9.21 28.25 2.45
N GLU A 28 8.71 29.08 1.54
CA GLU A 28 8.64 30.51 1.79
C GLU A 28 7.37 30.93 2.50
N ASN A 29 6.40 30.01 2.59
CA ASN A 29 5.09 30.33 3.13
C ASN A 29 4.43 31.43 2.28
N CYS A 30 4.58 31.29 0.95
CA CYS A 30 3.93 32.16 -0.05
C CYS A 30 2.50 31.71 -0.29
N GLY A 31 2.28 30.41 -0.07
CA GLY A 31 1.11 29.69 -0.55
C GLY A 31 -0.26 30.29 -0.30
N ILE A 32 -0.47 30.85 0.88
CA ILE A 32 -1.75 31.45 1.21
C ILE A 32 -1.86 32.85 0.57
N ASP A 33 -0.78 33.62 0.66
CA ASP A 33 -0.72 34.93 0.03
C ASP A 33 -1.05 34.85 -1.46
N GLN A 34 -0.45 33.88 -2.14
CA GLN A 34 -0.58 33.78 -3.58
C GLN A 34 -1.76 32.93 -3.99
N ARG A 35 -2.49 32.41 -3.01
CA ARG A 35 -3.69 31.63 -3.27
C ARG A 35 -3.50 30.44 -4.20
N TRP A 36 -2.49 29.62 -3.91
CA TRP A 36 -2.17 28.47 -4.76
C TRP A 36 -3.36 27.58 -5.11
N TRP A 37 -4.38 27.59 -4.25
CA TRP A 37 -5.63 26.89 -4.49
C TRP A 37 -6.40 27.41 -5.70
N GLU A 38 -5.96 28.56 -6.23
CA GLU A 38 -6.61 29.26 -7.35
C GLU A 38 -6.16 28.78 -8.73
N SER A 39 -5.00 28.13 -8.79
CA SER A 39 -4.52 27.52 -10.03
C SER A 39 -3.83 26.19 -9.74
N ALA A 40 -3.37 25.51 -10.80
CA ALA A 40 -2.59 24.29 -10.65
C ALA A 40 -1.33 24.56 -9.84
N LEU A 41 -1.00 23.63 -8.94
CA LEU A 41 0.20 23.75 -8.12
C LEU A 41 1.41 23.81 -9.02
N GLN A 42 2.28 24.77 -8.75
CA GLN A 42 3.46 24.96 -9.56
C GLN A 42 4.67 24.30 -8.89
N GLU A 43 5.53 23.74 -9.73
CA GLU A 43 6.71 22.97 -9.29
C GLU A 43 6.29 21.76 -8.44
N SER A 44 5.25 21.06 -8.92
CA SER A 44 4.63 19.99 -8.15
C SER A 44 5.03 18.59 -8.60
N ARG A 45 5.39 17.76 -7.64
CA ARG A 45 5.71 16.38 -7.96
C ARG A 45 4.59 15.44 -7.52
N ALA A 46 4.52 14.28 -8.17
CA ALA A 46 3.57 13.24 -7.80
C ALA A 46 3.80 12.67 -6.40
N ILE A 47 2.70 12.48 -5.68
CA ILE A 47 2.71 11.90 -4.34
C ILE A 47 1.54 10.95 -4.22
N ALA A 48 1.69 9.95 -3.36
CA ALA A 48 0.67 8.95 -3.09
C ALA A 48 -0.19 9.34 -1.89
N VAL A 49 -1.50 9.17 -2.02
CA VAL A 49 -2.37 9.32 -0.89
C VAL A 49 -3.49 8.30 -0.66
N PRO A 50 -3.29 7.43 0.32
CA PRO A 50 -3.19 7.95 1.66
C PRO A 50 -1.70 7.66 1.88
N GLY A 51 -1.02 8.45 2.70
CA GLY A 51 0.38 8.21 3.02
C GLY A 51 0.99 9.41 3.71
N SER A 52 2.01 9.19 4.55
CA SER A 52 2.85 10.27 5.04
C SER A 52 3.56 10.83 3.83
N PHE A 53 3.92 12.11 3.87
CA PHE A 53 4.70 12.66 2.78
C PHE A 53 6.18 12.49 3.02
N ASN A 54 6.59 12.25 4.26
CA ASN A 54 8.00 12.42 4.63
C ASN A 54 8.94 11.45 3.92
N ASP A 55 8.57 10.18 3.89
CA ASP A 55 9.47 9.14 3.37
C ASP A 55 9.29 8.79 1.89
N GLN A 56 8.26 9.34 1.23
CA GLN A 56 7.94 8.92 -0.13
C GLN A 56 9.02 9.19 -1.15
N PHE A 57 9.88 10.16 -0.89
CA PHE A 57 10.84 10.62 -1.90
C PHE A 57 12.31 10.40 -1.53
N ALA A 58 12.55 9.61 -0.48
CA ALA A 58 13.90 9.33 0.02
C ALA A 58 14.78 10.57 0.04
N ASP A 59 14.24 11.68 0.56
CA ASP A 59 14.94 12.96 0.62
C ASP A 59 14.87 13.54 2.02
N ALA A 60 16.03 13.64 2.66
CA ALA A 60 16.15 14.11 4.04
C ALA A 60 15.44 15.44 4.32
N ASP A 61 15.51 16.34 3.36
CA ASP A 61 15.00 17.69 3.54
C ASP A 61 13.48 17.80 3.47
N ILE A 62 12.86 17.01 2.61
CA ILE A 62 11.40 16.84 2.63
C ILE A 62 10.96 16.12 3.92
N ARG A 63 11.75 15.15 4.36
CA ARG A 63 11.45 14.38 5.56
C ARG A 63 11.45 15.26 6.81
N ASN A 64 12.46 16.11 6.91
CA ASN A 64 12.64 16.95 8.08
C ASN A 64 11.97 18.31 7.94
N TYR A 65 11.13 18.44 6.92
CA TYR A 65 10.43 19.68 6.67
C TYR A 65 9.44 20.06 7.77
N ALA A 66 9.43 21.33 8.13
CA ALA A 66 8.49 21.90 9.07
C ALA A 66 7.75 23.07 8.42
N GLY A 67 6.42 23.05 8.50
CA GLY A 67 5.63 24.14 7.89
C GLY A 67 4.61 23.57 6.96
N ASN A 68 4.30 24.35 5.92
CA ASN A 68 3.17 24.06 5.02
C ASN A 68 3.54 23.29 3.77
N VAL A 69 2.71 22.32 3.43
CA VAL A 69 2.84 21.61 2.17
C VAL A 69 1.50 21.59 1.43
N TRP A 70 1.53 21.42 0.12
CA TRP A 70 0.30 21.48 -0.64
C TRP A 70 0.03 20.22 -1.42
N TYR A 71 -1.19 19.72 -1.32
CA TYR A 71 -1.67 18.63 -2.14
C TYR A 71 -2.72 19.16 -3.12
N GLN A 72 -2.61 18.76 -4.37
CA GLN A 72 -3.61 19.16 -5.35
C GLN A 72 -4.01 18.04 -6.30
N ARG A 73 -5.27 18.08 -6.70
CA ARG A 73 -5.94 16.99 -7.37
C ARG A 73 -7.18 17.55 -8.10
N GLU A 74 -7.41 17.11 -9.33
CA GLU A 74 -8.68 17.38 -10.01
C GLU A 74 -9.53 16.11 -10.03
N VAL A 75 -10.84 16.26 -9.80
CA VAL A 75 -11.74 15.10 -9.77
C VAL A 75 -13.10 15.33 -10.43
N PHE A 76 -13.75 14.23 -10.80
CA PHE A 76 -15.03 14.27 -11.48
C PHE A 76 -16.21 13.92 -10.58
N ILE A 77 -17.14 14.86 -10.46
CA ILE A 77 -18.40 14.59 -9.74
C ILE A 77 -19.21 13.65 -10.61
N PRO A 78 -19.64 12.52 -10.04
CA PRO A 78 -20.51 11.61 -10.77
C PRO A 78 -21.74 12.34 -11.33
N LYS A 79 -22.06 12.10 -12.60
CA LYS A 79 -23.20 12.76 -13.24
C LYS A 79 -24.47 12.51 -12.45
N GLY A 80 -24.64 11.26 -12.04
CA GLY A 80 -25.85 10.83 -11.36
C GLY A 80 -26.09 11.48 -10.00
N TRP A 81 -25.13 12.30 -9.56
CA TRP A 81 -25.18 12.89 -8.21
C TRP A 81 -26.26 13.96 -8.00
N ALA A 82 -26.62 14.64 -9.09
CA ALA A 82 -27.90 15.35 -9.28
C ALA A 82 -28.12 16.35 -8.14
N GLY A 83 -29.19 16.12 -7.37
CA GLY A 83 -29.49 16.96 -6.21
C GLY A 83 -29.34 16.34 -4.84
N GLN A 84 -28.57 15.25 -4.77
CA GLN A 84 -28.23 14.62 -3.51
C GLN A 84 -27.32 15.48 -2.64
N ARG A 85 -27.31 15.26 -1.33
CA ARG A 85 -26.29 15.87 -0.45
C ARG A 85 -24.91 15.31 -0.77
N ILE A 86 -24.03 16.15 -1.32
CA ILE A 86 -22.65 15.75 -1.60
C ILE A 86 -21.71 16.26 -0.51
N VAL A 87 -20.89 15.36 0.03
CA VAL A 87 -20.01 15.69 1.14
C VAL A 87 -18.56 15.29 0.82
N LEU A 88 -17.64 16.20 1.11
CA LEU A 88 -16.23 15.90 0.96
C LEU A 88 -15.61 15.63 2.32
N ARG A 89 -15.01 14.46 2.46
CA ARG A 89 -14.50 13.98 3.74
C ARG A 89 -13.05 13.54 3.69
N PHE A 90 -12.34 13.85 4.79
CA PHE A 90 -10.98 13.39 5.03
C PHE A 90 -10.93 12.60 6.30
N ASP A 91 -10.53 11.34 6.19
CA ASP A 91 -10.43 10.49 7.36
C ASP A 91 -9.32 10.96 8.28
N ALA A 92 -8.28 11.56 7.70
CA ALA A 92 -7.32 12.20 8.49
C ALA A 92 -6.41 13.10 7.60
N VAL A 93 -5.83 14.14 8.21
CA VAL A 93 -4.96 14.98 7.52
C VAL A 93 -4.00 15.33 8.75
N THR A 94 -2.70 15.05 8.66
CA THR A 94 -1.90 15.10 9.86
C THR A 94 -1.45 16.48 10.28
N HIS A 95 -1.92 16.72 11.49
CA HIS A 95 -1.96 17.92 12.27
C HIS A 95 -2.92 19.01 11.88
N TYR A 96 -2.83 19.53 10.68
CA TYR A 96 -3.72 20.61 10.28
C TYR A 96 -3.99 20.50 8.80
N GLY A 97 -5.25 20.69 8.41
CA GLY A 97 -5.61 20.78 7.00
C GLY A 97 -6.57 21.91 6.68
N LYS A 98 -6.33 22.60 5.58
CA LYS A 98 -7.30 23.56 5.08
C LYS A 98 -7.60 23.21 3.62
N VAL A 99 -8.89 23.11 3.30
CA VAL A 99 -9.33 22.57 2.02
C VAL A 99 -10.05 23.59 1.15
N TRP A 100 -9.69 23.63 -0.14
CA TRP A 100 -10.35 24.47 -1.13
C TRP A 100 -10.91 23.64 -2.27
N VAL A 101 -12.20 23.79 -2.53
CA VAL A 101 -12.79 23.33 -3.77
C VAL A 101 -12.84 24.54 -4.72
N ASN A 102 -11.92 24.60 -5.68
CA ASN A 102 -11.90 25.66 -6.68
C ASN A 102 -11.98 27.09 -6.16
N ASN A 103 -11.06 27.48 -5.30
CA ASN A 103 -11.00 28.87 -4.80
C ASN A 103 -12.26 29.10 -3.94
N GLN A 104 -12.71 28.05 -3.25
CA GLN A 104 -13.77 28.17 -2.27
C GLN A 104 -13.23 27.34 -1.10
N GLU A 105 -12.94 28.02 0.01
CA GLU A 105 -12.54 27.35 1.24
C GLU A 105 -13.75 26.66 1.86
N VAL A 106 -13.69 25.34 2.00
CA VAL A 106 -14.83 24.55 2.48
C VAL A 106 -14.67 23.97 3.89
N MET A 107 -13.43 23.85 4.35
CA MET A 107 -13.20 23.29 5.68
C MET A 107 -11.80 23.50 6.21
N GLU A 108 -11.71 23.38 7.53
CA GLU A 108 -10.48 23.56 8.25
C GLU A 108 -10.49 22.59 9.43
N HIS A 109 -9.32 22.08 9.79
CA HIS A 109 -9.22 21.12 10.90
C HIS A 109 -7.87 21.08 11.57
N GLN A 110 -7.89 21.10 12.90
CA GLN A 110 -6.71 20.84 13.71
C GLN A 110 -6.94 19.52 14.45
N GLY A 111 -6.09 18.53 14.16
CA GLY A 111 -6.23 17.15 14.66
C GLY A 111 -5.65 16.26 13.57
N GLY A 112 -4.64 15.44 13.88
CA GLY A 112 -3.97 14.69 12.84
C GLY A 112 -4.58 13.33 12.55
N TYR A 113 -5.57 12.94 13.36
CA TYR A 113 -5.95 11.54 13.40
C TYR A 113 -7.43 11.23 13.43
N THR A 114 -8.27 12.23 13.19
CA THR A 114 -9.71 11.99 13.14
C THR A 114 -10.27 12.71 11.93
N PRO A 115 -11.41 12.25 11.44
CA PRO A 115 -12.01 12.75 10.21
C PRO A 115 -12.62 14.13 10.35
N PHE A 116 -12.55 14.90 9.26
CA PHE A 116 -13.36 16.12 9.10
C PHE A 116 -13.97 16.15 7.72
N GLU A 117 -15.19 16.68 7.62
CA GLU A 117 -15.95 16.70 6.36
C GLU A 117 -16.77 17.98 6.25
N ALA A 118 -17.11 18.34 5.01
CA ALA A 118 -17.97 19.50 4.75
C ALA A 118 -18.95 19.17 3.65
N ASP A 119 -20.20 19.60 3.83
CA ASP A 119 -21.18 19.55 2.74
C ASP A 119 -20.72 20.47 1.61
N VAL A 120 -20.54 19.89 0.43
CA VAL A 120 -20.00 20.63 -0.70
C VAL A 120 -21.02 20.77 -1.83
N THR A 121 -22.24 20.28 -1.59
CA THR A 121 -23.33 20.29 -2.57
C THR A 121 -23.40 21.61 -3.35
N PRO A 122 -23.55 22.75 -2.62
CA PRO A 122 -23.61 24.08 -3.25
C PRO A 122 -22.37 24.55 -4.03
N TYR A 123 -21.24 23.86 -3.89
CA TYR A 123 -19.96 24.35 -4.40
C TYR A 123 -19.43 23.55 -5.58
N VAL A 124 -20.22 22.57 -5.98
CA VAL A 124 -19.82 21.63 -7.02
C VAL A 124 -20.99 21.33 -7.97
N ILE A 125 -20.70 21.11 -9.25
CA ILE A 125 -21.72 20.70 -10.21
C ILE A 125 -21.45 19.27 -10.71
N ALA A 126 -22.46 18.43 -10.56
CA ALA A 126 -22.36 17.02 -10.95
C ALA A 126 -22.04 16.88 -12.43
N GLY A 127 -21.10 15.99 -12.74
CA GLY A 127 -20.66 15.80 -14.12
C GLY A 127 -19.50 16.69 -14.53
N LYS A 128 -19.06 17.56 -13.62
CA LYS A 128 -17.92 18.44 -13.87
C LYS A 128 -16.74 18.15 -12.95
N SER A 129 -15.56 18.55 -13.42
CA SER A 129 -14.29 18.30 -12.78
C SER A 129 -13.88 19.45 -11.87
N VAL A 130 -13.48 19.13 -10.64
CA VAL A 130 -13.11 20.17 -9.68
C VAL A 130 -11.68 20.05 -9.21
N ARG A 131 -11.07 21.19 -8.91
CA ARG A 131 -9.74 21.23 -8.34
C ARG A 131 -9.82 21.27 -6.82
N ILE A 132 -9.04 20.40 -6.19
CA ILE A 132 -9.02 20.31 -4.75
C ILE A 132 -7.62 20.55 -4.26
N THR A 133 -7.46 21.60 -3.48
CA THR A 133 -6.18 21.94 -2.91
C THR A 133 -6.30 21.81 -1.40
N VAL A 134 -5.41 21.02 -0.81
CA VAL A 134 -5.30 20.96 0.63
C VAL A 134 -3.96 21.57 1.04
N CYS A 135 -4.01 22.48 2.01
CA CYS A 135 -2.81 23.00 2.65
C CYS A 135 -2.68 22.27 3.97
N VAL A 136 -1.60 21.53 4.10
CA VAL A 136 -1.38 20.70 5.27
C VAL A 136 -0.26 21.26 6.15
N ASN A 137 -0.52 21.33 7.45
CA ASN A 137 0.47 21.84 8.36
C ASN A 137 0.88 20.79 9.38
N ASN A 138 2.19 20.61 9.56
CA ASN A 138 2.69 19.61 10.49
C ASN A 138 3.29 20.20 11.76
N GLU A 139 2.93 21.44 12.08
CA GLU A 139 3.54 22.11 13.22
C GLU A 139 2.81 21.84 14.51
N LEU A 140 3.58 21.72 15.59
CA LEU A 140 3.02 21.53 16.90
C LEU A 140 3.44 22.68 17.81
N ASN A 141 2.55 23.01 18.74
CA ASN A 141 2.82 23.97 19.80
C ASN A 141 2.05 23.55 21.05
N TRP A 142 2.07 24.41 22.06
CA TRP A 142 1.55 24.07 23.36
C TRP A 142 0.04 23.84 23.42
N GLN A 143 -0.65 24.25 22.36
CA GLN A 143 -2.10 24.09 22.27
C GLN A 143 -2.50 23.02 21.24
N THR A 144 -1.51 22.48 20.54
CA THR A 144 -1.77 21.37 19.61
C THR A 144 -1.79 20.04 20.36
N ILE A 145 -2.49 19.06 19.78
CA ILE A 145 -2.62 17.76 20.46
C ILE A 145 -2.08 16.55 19.68
N PRO A 146 -0.73 16.43 19.62
CA PRO A 146 0.03 16.34 20.84
C PRO A 146 0.76 17.71 20.76
N PRO A 147 1.37 18.19 21.85
CA PRO A 147 2.16 19.43 21.92
C PRO A 147 3.60 19.32 21.42
N GLY A 148 4.21 20.48 21.18
CA GLY A 148 5.56 20.61 20.68
C GLY A 148 5.92 22.09 20.72
N MET A 149 7.09 22.43 20.19
CA MET A 149 7.61 23.78 20.18
C MET A 149 8.38 23.83 18.89
N VAL A 150 7.98 24.70 17.96
CA VAL A 150 8.84 24.89 16.81
C VAL A 150 9.95 25.86 17.19
N ILE A 151 11.17 25.52 16.82
CA ILE A 151 12.30 26.42 17.01
C ILE A 151 12.65 27.00 15.66
N THR A 152 12.66 28.32 15.58
CA THR A 152 13.17 28.93 14.39
C THR A 152 14.56 29.42 14.75
N ASP A 153 15.56 29.04 13.95
CA ASP A 153 16.91 29.49 14.21
C ASP A 153 17.05 30.91 13.71
N GLU A 154 18.27 31.43 13.79
CA GLU A 154 18.61 32.81 13.44
C GLU A 154 18.28 33.14 11.99
N ASN A 155 18.21 32.09 11.16
CA ASN A 155 17.94 32.26 9.73
C ASN A 155 16.45 32.26 9.39
N GLY A 156 15.61 32.07 10.40
CA GLY A 156 14.16 32.02 10.19
C GLY A 156 13.70 30.67 9.68
N LYS A 157 14.59 29.70 9.67
CA LYS A 157 14.23 28.33 9.29
C LYS A 157 13.73 27.50 10.47
N LYS A 158 12.53 26.95 10.32
CA LYS A 158 11.82 26.26 11.39
C LYS A 158 12.35 24.85 11.57
N LYS A 159 12.26 24.35 12.80
CA LYS A 159 12.64 22.99 13.15
C LYS A 159 11.70 22.55 14.26
N GLN A 160 11.03 21.41 14.09
CA GLN A 160 10.08 20.93 15.08
C GLN A 160 10.74 20.08 16.14
N SER A 161 10.56 20.47 17.39
CA SER A 161 10.95 19.63 18.48
C SER A 161 9.68 19.22 19.22
N TYR A 162 9.68 17.99 19.71
CA TYR A 162 8.49 17.44 20.35
C TYR A 162 8.92 16.43 21.39
N PHE A 163 7.97 15.94 22.18
CA PHE A 163 8.36 15.23 23.38
C PHE A 163 8.00 13.76 23.37
N HIS A 164 7.41 13.28 22.28
CA HIS A 164 7.02 11.87 22.22
C HIS A 164 8.01 11.01 21.42
N ASP A 165 8.00 9.71 21.70
CA ASP A 165 9.01 8.79 21.17
C ASP A 165 8.76 8.18 19.79
N PHE A 166 7.84 8.76 19.04
CA PHE A 166 7.74 8.48 17.61
C PHE A 166 7.89 9.68 16.69
N PHE A 167 8.26 9.40 15.45
CA PHE A 167 8.54 10.43 14.49
C PHE A 167 7.28 11.21 14.04
N ASN A 168 7.44 12.51 13.89
CA ASN A 168 6.36 13.42 13.55
C ASN A 168 6.07 13.35 12.06
N TYR A 169 5.58 12.19 11.62
CA TYR A 169 5.13 12.00 10.23
C TYR A 169 3.91 12.83 9.96
N ALA A 170 3.82 13.38 8.76
CA ALA A 170 2.68 14.22 8.42
C ALA A 170 2.20 13.96 7.00
N GLY A 171 1.07 14.60 6.66
CA GLY A 171 0.45 14.42 5.34
C GLY A 171 -0.93 13.81 5.44
N ILE A 172 -1.52 13.49 4.30
CA ILE A 172 -2.86 12.88 4.28
C ILE A 172 -2.69 11.38 4.45
N HIS A 173 -2.79 10.94 5.71
CA HIS A 173 -2.43 9.58 6.11
C HIS A 173 -3.53 8.58 5.86
N ARG A 174 -4.74 9.08 5.59
CA ARG A 174 -5.89 8.21 5.43
C ARG A 174 -6.79 8.65 4.30
N SER A 175 -7.80 7.83 4.02
CA SER A 175 -8.76 8.05 2.93
C SER A 175 -9.31 9.47 2.88
N VAL A 176 -9.26 10.07 1.69
CA VAL A 176 -10.06 11.25 1.42
C VAL A 176 -11.12 10.76 0.46
N MET A 177 -12.32 11.32 0.55
CA MET A 177 -13.41 10.83 -0.27
C MET A 177 -14.51 11.83 -0.49
N LEU A 178 -15.30 11.55 -1.52
CA LEU A 178 -16.49 12.29 -1.84
C LEU A 178 -17.63 11.34 -1.55
N TYR A 179 -18.67 11.82 -0.87
CA TYR A 179 -19.79 10.93 -0.61
C TYR A 179 -21.15 11.61 -0.56
N THR A 180 -22.17 10.78 -0.67
CA THR A 180 -23.51 11.21 -0.98
C THR A 180 -24.49 10.84 0.12
N THR A 181 -25.51 11.67 0.28
CA THR A 181 -26.67 11.33 1.10
C THR A 181 -27.91 12.02 0.51
N PRO A 182 -29.12 11.51 0.82
CA PRO A 182 -30.34 12.26 0.51
C PRO A 182 -30.45 13.51 1.38
N ASN A 183 -31.28 14.47 0.98
CA ASN A 183 -31.40 15.72 1.75
C ASN A 183 -32.07 15.53 3.11
N THR A 184 -32.74 14.38 3.26
CA THR A 184 -32.99 13.79 4.56
C THR A 184 -31.89 12.75 4.78
N TRP A 185 -31.19 12.88 5.90
CA TRP A 185 -30.04 12.02 6.18
C TRP A 185 -29.84 11.83 7.67
N VAL A 186 -29.61 10.57 8.01
CA VAL A 186 -29.16 10.17 9.33
C VAL A 186 -27.74 10.72 9.50
N ASP A 187 -27.48 11.47 10.57
CA ASP A 187 -26.07 11.87 10.82
C ASP A 187 -25.50 11.70 12.21
N ASP A 188 -26.27 11.10 13.11
CA ASP A 188 -25.68 10.64 14.34
C ASP A 188 -26.49 9.51 14.88
N ILE A 189 -25.77 8.47 15.30
CA ILE A 189 -26.34 7.36 16.05
C ILE A 189 -25.49 7.12 17.31
N THR A 190 -26.16 6.78 18.40
CA THR A 190 -25.50 6.38 19.61
C THR A 190 -26.22 5.16 20.12
N VAL A 191 -25.51 4.03 20.17
CA VAL A 191 -26.08 2.78 20.66
C VAL A 191 -25.41 2.41 21.97
N VAL A 192 -26.23 2.10 22.98
CA VAL A 192 -25.71 1.50 24.19
C VAL A 192 -26.36 0.15 24.32
N THR A 193 -25.55 -0.82 24.72
CA THR A 193 -25.89 -2.22 24.75
C THR A 193 -25.83 -2.66 26.21
N HIS A 194 -26.92 -3.24 26.72
CA HIS A 194 -26.92 -3.76 28.08
C HIS A 194 -27.05 -5.28 28.07
N VAL A 195 -26.47 -5.96 29.05
CA VAL A 195 -26.63 -7.42 29.18
C VAL A 195 -26.76 -7.82 30.65
N ALA A 196 -27.58 -8.82 30.92
CA ALA A 196 -27.92 -9.20 32.29
C ALA A 196 -27.76 -10.70 32.49
N GLN A 197 -26.55 -11.10 32.88
CA GLN A 197 -26.23 -12.51 33.13
C GLN A 197 -26.53 -13.37 31.91
N ASP A 198 -26.44 -12.69 30.76
CA ASP A 198 -26.11 -13.27 29.48
C ASP A 198 -27.15 -14.22 28.93
N CYS A 199 -28.41 -13.89 29.16
CA CYS A 199 -29.53 -14.67 28.67
C CYS A 199 -30.41 -13.70 27.88
N ASN A 200 -30.29 -12.42 28.23
CA ASN A 200 -31.18 -11.39 27.75
C ASN A 200 -30.48 -10.03 27.83
N HIS A 201 -30.67 -9.20 26.80
CA HIS A 201 -30.82 -7.76 27.06
C HIS A 201 -31.39 -6.71 26.10
N ALA A 202 -31.23 -5.48 26.56
CA ALA A 202 -31.76 -4.26 25.98
C ALA A 202 -30.62 -3.53 25.31
N SER A 203 -30.91 -2.98 24.15
CA SER A 203 -29.99 -2.13 23.44
C SER A 203 -30.67 -0.80 23.22
N VAL A 204 -30.26 0.25 23.94
CA VAL A 204 -30.88 1.57 23.74
C VAL A 204 -30.32 2.20 22.46
N ASP A 205 -31.15 3.02 21.79
CA ASP A 205 -30.68 3.81 20.67
C ASP A 205 -31.00 5.28 20.84
N TRP A 206 -30.15 6.11 20.26
CA TRP A 206 -30.38 7.53 20.24
C TRP A 206 -29.96 7.96 18.86
N GLN A 207 -30.86 8.67 18.20
CA GLN A 207 -30.69 8.92 16.79
C GLN A 207 -30.94 10.38 16.42
N VAL A 208 -30.02 10.95 15.65
CA VAL A 208 -30.23 12.27 15.04
C VAL A 208 -30.33 12.12 13.54
N VAL A 209 -31.51 12.44 13.03
CA VAL A 209 -31.77 12.40 11.60
C VAL A 209 -32.13 13.81 11.14
N ALA A 210 -31.18 14.43 10.45
CA ALA A 210 -31.39 15.75 9.85
C ALA A 210 -32.70 15.65 9.00
N ASN A 211 -33.70 16.38 9.49
CA ASN A 211 -35.07 16.37 8.98
C ASN A 211 -35.78 15.09 8.58
N GLY A 212 -35.71 14.08 9.45
CA GLY A 212 -36.40 12.84 9.18
C GLY A 212 -36.89 12.07 10.38
N ASP A 213 -38.04 11.42 10.19
CA ASP A 213 -38.51 10.46 11.16
C ASP A 213 -37.70 9.17 10.98
N VAL A 214 -37.40 8.51 12.08
CA VAL A 214 -36.53 7.35 12.03
C VAL A 214 -37.23 6.09 12.56
N SER A 215 -36.85 4.95 12.00
CA SER A 215 -37.34 3.67 12.46
C SER A 215 -36.12 2.78 12.56
N VAL A 216 -36.23 1.75 13.37
CA VAL A 216 -35.07 0.95 13.72
C VAL A 216 -35.39 -0.54 13.62
N GLU A 217 -34.48 -1.28 12.99
CA GLU A 217 -34.54 -2.74 13.03
C GLU A 217 -33.19 -3.39 13.24
N LEU A 218 -33.21 -4.43 14.07
CA LEU A 218 -32.00 -5.12 14.45
C LEU A 218 -31.98 -6.50 13.82
N ARG A 219 -30.93 -6.76 13.06
CA ARG A 219 -30.81 -8.01 12.30
C ARG A 219 -29.63 -8.86 12.75
N ASP A 220 -29.83 -10.17 12.60
CA ASP A 220 -28.87 -11.22 12.90
C ASP A 220 -27.69 -11.16 11.95
N ALA A 221 -26.68 -11.98 12.26
CA ALA A 221 -25.62 -12.30 11.29
C ALA A 221 -26.17 -13.02 10.08
N ASP A 222 -27.26 -13.74 10.28
CA ASP A 222 -27.91 -14.45 9.18
C ASP A 222 -29.19 -13.64 8.88
N GLN A 223 -29.11 -12.32 9.08
CA GLN A 223 -30.02 -11.35 8.45
C GLN A 223 -31.53 -11.43 8.71
N GLN A 224 -31.93 -11.76 9.93
CA GLN A 224 -33.36 -11.86 10.23
C GLN A 224 -33.64 -10.86 11.35
N VAL A 225 -34.75 -10.14 11.19
CA VAL A 225 -35.17 -9.09 12.12
C VAL A 225 -35.58 -9.69 13.46
N VAL A 226 -34.87 -9.27 14.50
CA VAL A 226 -35.02 -9.84 15.84
C VAL A 226 -35.62 -8.82 16.81
N ALA A 227 -35.75 -7.57 16.36
CA ALA A 227 -36.39 -6.47 17.13
C ALA A 227 -36.61 -5.21 16.28
N THR A 228 -37.60 -4.42 16.66
CA THR A 228 -37.95 -3.18 15.94
C THR A 228 -38.25 -2.01 16.88
N GLY A 229 -38.17 -0.78 16.34
CA GLY A 229 -38.31 0.41 17.15
C GLY A 229 -38.63 1.65 16.36
N GLN A 230 -39.52 2.44 16.91
CA GLN A 230 -39.91 3.69 16.35
C GLN A 230 -39.67 4.49 17.59
N GLY A 231 -39.72 5.78 17.52
CA GLY A 231 -39.32 6.49 18.71
C GLY A 231 -38.04 6.83 18.07
N THR A 232 -38.28 7.48 16.97
CA THR A 232 -37.28 7.75 16.04
C THR A 232 -36.02 8.31 16.73
N SER A 233 -36.19 8.94 17.91
CA SER A 233 -35.04 9.26 18.75
C SER A 233 -34.53 8.30 19.79
N GLY A 234 -35.39 7.91 20.74
CA GLY A 234 -34.93 7.12 21.90
C GLY A 234 -35.70 5.82 21.84
N THR A 235 -35.06 4.74 21.41
CA THR A 235 -35.79 3.46 21.25
C THR A 235 -34.92 2.31 21.81
N LEU A 236 -35.50 1.60 22.77
CA LEU A 236 -34.89 0.45 23.43
C LEU A 236 -35.34 -0.95 23.00
N GLN A 237 -34.37 -1.77 22.58
CA GLN A 237 -34.64 -3.10 22.03
C GLN A 237 -34.34 -4.19 23.04
N VAL A 238 -35.26 -5.12 23.23
CA VAL A 238 -34.99 -6.28 24.08
C VAL A 238 -34.71 -7.53 23.20
N VAL A 239 -33.79 -8.39 23.64
CA VAL A 239 -33.22 -9.44 22.80
C VAL A 239 -32.82 -10.69 23.62
N ASN A 240 -32.85 -11.88 22.99
CA ASN A 240 -32.14 -13.08 23.51
C ASN A 240 -30.73 -13.29 22.83
N PRO A 241 -29.74 -12.49 23.24
CA PRO A 241 -28.67 -12.09 22.33
C PRO A 241 -27.53 -13.08 22.12
N HIS A 242 -26.95 -13.05 20.92
CA HIS A 242 -25.61 -13.57 20.73
C HIS A 242 -24.65 -12.47 21.11
N LEU A 243 -24.01 -12.61 22.27
CA LEU A 243 -23.13 -11.56 22.79
C LEU A 243 -21.87 -11.38 21.94
N TRP A 244 -21.48 -10.13 21.70
CA TRP A 244 -20.20 -9.84 21.04
C TRP A 244 -19.14 -10.21 22.05
N GLN A 245 -18.33 -11.18 21.71
CA GLN A 245 -17.37 -11.68 22.68
C GLN A 245 -15.95 -11.72 22.15
N PRO A 246 -14.98 -11.34 23.02
CA PRO A 246 -13.57 -11.29 22.70
C PRO A 246 -13.13 -12.34 21.69
N GLY A 247 -13.44 -13.60 21.90
CA GLY A 247 -13.03 -14.62 20.92
C GLY A 247 -13.53 -14.40 19.49
N GLU A 248 -14.81 -14.08 19.34
CA GLU A 248 -15.46 -14.18 18.03
C GLU A 248 -16.12 -12.90 17.53
N GLY A 249 -16.62 -12.08 18.45
CA GLY A 249 -17.24 -10.80 18.11
C GLY A 249 -18.45 -10.96 17.20
N TYR A 250 -19.49 -11.62 17.70
CA TYR A 250 -20.72 -11.73 16.93
C TYR A 250 -21.34 -10.35 16.72
N LEU A 251 -21.65 -10.01 15.48
CA LEU A 251 -22.23 -8.70 15.20
C LEU A 251 -23.67 -8.71 14.68
N TYR A 252 -24.52 -8.01 15.43
CA TYR A 252 -25.85 -7.67 14.98
C TYR A 252 -25.76 -6.47 14.07
N GLU A 253 -26.85 -6.19 13.35
CA GLU A 253 -26.87 -5.00 12.52
C GLU A 253 -28.11 -4.16 12.78
N LEU A 254 -27.88 -2.88 13.04
CA LEU A 254 -28.95 -1.93 13.27
C LEU A 254 -29.11 -1.07 12.03
N CYS A 255 -30.31 -1.13 11.47
CA CYS A 255 -30.64 -0.33 10.31
C CYS A 255 -31.40 0.92 10.75
N VAL A 256 -30.84 2.07 10.43
CA VAL A 256 -31.45 3.36 10.75
C VAL A 256 -32.02 3.97 9.49
N THR A 257 -33.29 4.36 9.58
CA THR A 257 -34.01 4.87 8.46
C THR A 257 -34.43 6.30 8.77
N ALA A 258 -34.07 7.22 7.89
CA ALA A 258 -34.56 8.57 7.96
C ALA A 258 -35.61 8.78 6.83
N LYS A 259 -36.88 8.90 7.19
CA LYS A 259 -37.95 9.16 6.21
C LYS A 259 -38.37 10.62 6.20
N SER A 260 -38.24 11.26 5.04
CA SER A 260 -38.86 12.53 4.75
C SER A 260 -40.18 12.22 4.06
N GLN A 261 -40.98 13.23 3.79
CA GLN A 261 -42.23 13.01 3.08
C GLN A 261 -42.00 12.43 1.70
N THR A 262 -40.89 12.84 1.07
CA THR A 262 -40.53 12.33 -0.25
C THR A 262 -39.22 11.54 -0.23
N GLU A 263 -38.45 11.65 0.85
CA GLU A 263 -37.10 11.12 0.83
C GLU A 263 -36.76 10.08 1.90
N CYS A 264 -35.92 9.14 1.48
CA CYS A 264 -35.50 8.04 2.33
C CYS A 264 -34.00 8.12 2.54
N ASP A 265 -33.54 7.78 3.75
CA ASP A 265 -32.13 7.50 3.98
C ASP A 265 -31.97 6.24 4.83
N ILE A 266 -31.03 5.37 4.45
CA ILE A 266 -30.81 4.11 5.12
C ILE A 266 -29.36 3.96 5.61
N TYR A 267 -29.18 3.86 6.93
CA TYR A 267 -27.84 3.66 7.51
C TYR A 267 -27.81 2.40 8.35
N PRO A 268 -26.95 1.43 7.95
CA PRO A 268 -26.67 0.22 8.71
C PRO A 268 -25.51 0.44 9.67
N LEU A 269 -25.73 0.17 10.95
CA LEU A 269 -24.66 0.24 11.93
C LEU A 269 -24.49 -1.12 12.56
N ARG A 270 -23.27 -1.63 12.49
CA ARG A 270 -22.93 -2.91 13.08
C ARG A 270 -22.92 -2.71 14.58
N VAL A 271 -23.43 -3.70 15.29
CA VAL A 271 -23.59 -3.59 16.72
C VAL A 271 -23.10 -4.90 17.34
N GLY A 272 -22.25 -4.79 18.34
CA GLY A 272 -21.93 -5.94 19.15
C GLY A 272 -22.58 -5.78 20.50
N ILE A 273 -23.36 -6.77 20.91
CA ILE A 273 -24.02 -6.70 22.22
C ILE A 273 -23.08 -7.16 23.33
N ARG A 274 -22.51 -6.19 24.06
CA ARG A 274 -21.56 -6.49 25.13
C ARG A 274 -21.55 -5.40 26.21
N SER A 275 -21.26 -5.80 27.44
CA SER A 275 -21.09 -4.82 28.51
C SER A 275 -19.62 -4.78 28.92
N VAL A 276 -19.16 -3.60 29.24
CA VAL A 276 -17.83 -3.42 29.77
C VAL A 276 -17.99 -2.80 31.15
N ALA A 277 -17.29 -3.37 32.13
CA ALA A 277 -17.37 -2.86 33.49
C ALA A 277 -16.15 -3.25 34.29
N VAL A 278 -15.71 -2.33 35.13
CA VAL A 278 -14.75 -2.61 36.16
C VAL A 278 -15.52 -2.96 37.42
N LYS A 279 -15.16 -4.07 38.06
CA LYS A 279 -15.66 -4.40 39.40
C LYS A 279 -14.43 -4.69 40.28
N GLY A 280 -14.16 -3.81 41.23
CA GLY A 280 -12.99 -3.95 42.09
C GLY A 280 -11.74 -3.98 41.24
N GLU A 281 -11.01 -5.09 41.33
CA GLU A 281 -9.76 -5.30 40.63
C GLU A 281 -9.93 -6.02 39.32
N GLN A 282 -11.18 -6.18 38.88
CA GLN A 282 -11.42 -6.88 37.65
C GLN A 282 -11.93 -6.02 36.52
N PHE A 283 -11.61 -6.47 35.33
CA PHE A 283 -12.14 -5.89 34.12
C PHE A 283 -13.07 -6.91 33.48
N LEU A 284 -14.37 -6.61 33.53
CA LEU A 284 -15.37 -7.56 33.10
C LEU A 284 -15.93 -7.21 31.76
N ILE A 285 -16.05 -8.23 30.91
CA ILE A 285 -16.65 -8.10 29.60
C ILE A 285 -17.72 -9.16 29.62
N ASN A 286 -18.95 -8.75 29.30
CA ASN A 286 -20.11 -9.62 29.41
C ASN A 286 -20.06 -10.37 30.72
N HIS A 287 -19.74 -9.60 31.75
CA HIS A 287 -19.75 -10.03 33.15
C HIS A 287 -18.73 -11.11 33.50
N LYS A 288 -17.72 -11.31 32.65
CA LYS A 288 -16.65 -12.23 32.98
C LYS A 288 -15.33 -11.45 33.09
N PRO A 289 -14.47 -11.85 34.05
CA PRO A 289 -13.12 -11.26 34.17
C PRO A 289 -12.34 -11.53 32.89
N PHE A 290 -11.73 -10.50 32.34
CA PHE A 290 -10.95 -10.66 31.13
C PHE A 290 -9.49 -10.44 31.46
N TYR A 291 -8.61 -11.02 30.65
CA TYR A 291 -7.20 -10.77 30.76
C TYR A 291 -6.69 -10.35 29.39
N PHE A 292 -6.21 -9.12 29.28
CA PHE A 292 -5.62 -8.61 28.04
C PHE A 292 -4.26 -9.25 27.76
N THR A 293 -4.03 -9.60 26.50
CA THR A 293 -2.68 -9.86 26.04
C THR A 293 -2.48 -9.04 24.77
N GLY A 294 -1.24 -8.70 24.45
CA GLY A 294 -0.97 -8.16 23.13
C GLY A 294 -0.13 -6.93 23.24
N PHE A 295 -0.31 -6.04 22.29
CA PHE A 295 0.64 -4.97 22.09
C PHE A 295 0.17 -3.54 22.24
N GLY A 296 1.11 -2.66 22.56
CA GLY A 296 0.96 -1.29 22.14
C GLY A 296 1.44 -1.29 20.69
N ARG A 297 0.64 -0.71 19.81
CA ARG A 297 1.07 -0.65 18.41
C ARG A 297 1.40 0.79 18.03
N HIS A 298 1.91 0.95 16.82
CA HIS A 298 2.02 2.24 16.13
C HIS A 298 1.47 2.16 14.72
N GLU A 299 1.19 3.29 14.10
CA GLU A 299 0.94 3.33 12.64
C GLU A 299 2.14 3.79 11.90
N ASP A 300 2.90 2.82 11.43
CA ASP A 300 4.31 3.01 10.95
C ASP A 300 4.67 1.83 10.13
N ALA A 301 5.38 2.13 9.07
CA ALA A 301 5.89 1.13 8.13
C ALA A 301 6.85 1.87 7.22
N ASP A 302 7.70 1.10 6.53
CA ASP A 302 8.58 1.64 5.50
C ASP A 302 7.85 2.31 4.32
N LEU A 303 8.32 3.50 4.02
CA LEU A 303 7.90 4.31 2.89
C LEU A 303 6.55 4.97 3.14
N ARG A 304 5.71 4.39 3.97
CA ARG A 304 4.56 5.11 4.51
C ARG A 304 4.85 5.45 5.96
N GLY A 305 4.85 6.74 6.26
CA GLY A 305 5.13 7.22 7.60
C GLY A 305 4.11 6.77 8.62
N LYS A 306 2.84 6.78 8.21
CA LYS A 306 1.74 6.43 9.12
C LYS A 306 0.58 6.18 8.15
N GLY A 307 0.85 6.26 6.85
CA GLY A 307 -0.21 6.10 5.88
C GLY A 307 -0.93 4.79 6.10
N PHE A 308 -2.25 4.83 5.99
CA PHE A 308 -3.00 3.60 6.07
C PHE A 308 -2.67 2.69 4.86
N ASP A 309 -2.79 1.37 5.06
CA ASP A 309 -2.59 0.36 4.00
C ASP A 309 -3.36 -0.91 4.40
N ASN A 310 -4.00 -1.54 3.43
CA ASN A 310 -4.82 -2.74 3.67
C ASN A 310 -3.96 -3.99 3.84
N VAL A 311 -2.91 -4.11 3.03
CA VAL A 311 -2.07 -5.29 3.10
C VAL A 311 -1.43 -5.31 4.49
N LEU A 312 -0.84 -4.18 4.88
CA LEU A 312 -0.22 -4.07 6.19
C LEU A 312 -1.22 -4.46 7.28
N MET A 313 -2.48 -4.06 7.13
CA MET A 313 -3.45 -4.35 8.15
C MET A 313 -3.78 -5.85 8.18
N VAL A 314 -4.06 -6.42 7.02
CA VAL A 314 -4.30 -7.86 6.92
C VAL A 314 -3.11 -8.63 7.55
N HIS A 315 -1.90 -8.27 7.13
CA HIS A 315 -0.70 -8.95 7.60
C HIS A 315 -0.49 -8.84 9.11
N ASP A 316 -0.56 -7.63 9.65
CA ASP A 316 -0.35 -7.43 11.10
C ASP A 316 -1.34 -8.18 11.95
N HIS A 317 -2.57 -8.29 11.45
CA HIS A 317 -3.61 -9.01 12.18
C HIS A 317 -3.39 -10.50 12.14
N ALA A 318 -2.90 -11.02 11.00
CA ALA A 318 -2.44 -12.41 10.94
C ALA A 318 -1.32 -12.65 11.97
N LEU A 319 -0.38 -11.71 12.07
CA LEU A 319 0.68 -11.80 13.12
C LEU A 319 0.09 -11.81 14.53
N MET A 320 -0.79 -10.88 14.83
CA MET A 320 -1.33 -10.73 16.17
C MET A 320 -2.15 -11.95 16.56
N ASP A 321 -2.87 -12.47 15.57
CA ASP A 321 -3.65 -13.69 15.69
C ASP A 321 -2.76 -14.90 15.92
N TRP A 322 -1.77 -15.08 15.07
CA TRP A 322 -0.80 -16.17 15.21
C TRP A 322 -0.15 -16.16 16.60
N ILE A 323 0.22 -14.97 17.07
CA ILE A 323 0.98 -14.88 18.32
C ILE A 323 0.09 -15.05 19.57
N GLY A 324 -1.23 -14.99 19.37
CA GLY A 324 -2.20 -15.17 20.46
C GLY A 324 -2.56 -13.87 21.21
N ALA A 325 -2.25 -12.74 20.63
CA ALA A 325 -2.65 -11.44 21.17
C ALA A 325 -4.16 -11.33 21.12
N ASN A 326 -4.80 -10.97 22.23
CA ASN A 326 -6.25 -10.72 22.22
C ASN A 326 -6.63 -9.23 22.22
N SER A 327 -5.63 -8.36 22.23
CA SER A 327 -5.91 -6.95 22.36
C SER A 327 -4.78 -6.06 21.93
N TYR A 328 -5.07 -4.77 21.82
CA TYR A 328 -4.03 -3.73 21.71
C TYR A 328 -4.57 -2.37 22.18
N ARG A 329 -3.70 -1.37 22.14
CA ARG A 329 -4.05 -0.03 22.48
C ARG A 329 -3.62 0.82 21.31
N THR A 330 -4.45 1.79 20.93
CA THR A 330 -4.08 2.61 19.79
C THR A 330 -3.11 3.57 20.52
N SER A 331 -1.82 3.26 20.39
CA SER A 331 -0.80 3.92 21.19
C SER A 331 -0.87 5.17 20.38
N HIS A 332 -0.94 6.21 21.20
CA HIS A 332 -0.54 7.58 21.02
C HIS A 332 -1.26 8.44 20.02
N TYR A 333 -2.39 7.93 19.53
CA TYR A 333 -3.23 8.64 18.54
C TYR A 333 -4.39 7.72 18.12
N PRO A 334 -5.50 8.29 17.63
CA PRO A 334 -6.56 7.41 17.19
C PRO A 334 -6.10 6.69 15.94
N TYR A 335 -6.44 5.41 15.80
CA TYR A 335 -6.03 4.70 14.58
C TYR A 335 -7.10 4.81 13.48
N ALA A 336 -6.68 4.51 12.25
CA ALA A 336 -7.61 4.33 11.14
C ALA A 336 -8.83 3.51 11.58
N GLU A 337 -10.02 3.96 11.18
CA GLU A 337 -11.27 3.29 11.59
C GLU A 337 -11.38 1.85 11.07
N GLU A 338 -10.78 1.62 9.91
CA GLU A 338 -10.65 0.25 9.38
C GLU A 338 -10.15 -0.70 10.46
N MET A 339 -9.23 -0.22 11.29
CA MET A 339 -8.68 -1.04 12.36
C MET A 339 -9.77 -1.43 13.37
N LEU A 340 -10.58 -0.45 13.77
CA LEU A 340 -11.68 -0.72 14.69
C LEU A 340 -12.79 -1.55 14.04
N ASP A 341 -13.05 -1.35 12.76
CA ASP A 341 -13.97 -2.26 12.06
C ASP A 341 -13.45 -3.70 12.12
N TRP A 342 -12.16 -3.87 11.88
CA TRP A 342 -11.53 -5.19 11.97
C TRP A 342 -11.72 -5.81 13.35
N ALA A 343 -11.46 -5.01 14.36
CA ALA A 343 -11.48 -5.48 15.74
C ALA A 343 -12.91 -5.89 16.12
N ASP A 344 -13.88 -5.07 15.74
CA ASP A 344 -15.30 -5.36 15.93
C ASP A 344 -15.62 -6.70 15.29
N GLU A 345 -15.26 -6.82 14.02
CA GLU A 345 -15.59 -8.02 13.26
C GLU A 345 -14.90 -9.27 13.82
N HIS A 346 -13.63 -9.14 14.21
CA HIS A 346 -12.89 -10.30 14.71
C HIS A 346 -12.90 -10.50 16.23
N GLY A 347 -13.60 -9.62 16.96
CA GLY A 347 -13.66 -9.73 18.41
C GLY A 347 -12.34 -9.39 19.09
N ILE A 348 -11.63 -8.42 18.53
CA ILE A 348 -10.40 -7.97 19.14
C ILE A 348 -10.74 -6.84 20.13
N VAL A 349 -10.25 -6.93 21.36
CA VAL A 349 -10.48 -5.93 22.39
C VAL A 349 -9.50 -4.76 22.22
N VAL A 350 -10.00 -3.53 22.27
CA VAL A 350 -9.14 -2.38 21.97
C VAL A 350 -9.18 -1.32 23.06
N ILE A 351 -8.01 -0.75 23.39
CA ILE A 351 -7.97 0.43 24.24
C ILE A 351 -7.71 1.57 23.31
N ASP A 352 -8.69 2.45 23.22
CA ASP A 352 -8.70 3.56 22.29
C ASP A 352 -8.09 4.79 22.95
N GLU A 353 -7.14 5.44 22.27
CA GLU A 353 -6.34 6.47 22.90
C GLU A 353 -6.27 7.74 22.09
N THR A 354 -6.39 8.90 22.75
CA THR A 354 -6.22 10.16 22.07
C THR A 354 -4.77 10.36 21.67
N ALA A 355 -4.51 11.46 20.96
CA ALA A 355 -3.17 11.84 20.58
C ALA A 355 -2.41 12.60 21.68
N ALA A 356 -2.94 12.62 22.90
CA ALA A 356 -2.40 13.44 23.97
C ALA A 356 -1.21 12.83 24.70
N VAL A 357 -0.13 12.65 23.97
CA VAL A 357 1.15 12.20 24.52
C VAL A 357 2.02 13.45 24.60
N GLY A 358 3.24 13.33 25.13
CA GLY A 358 4.13 14.48 25.22
C GLY A 358 3.75 15.64 26.13
N PHE A 359 3.12 15.33 27.27
CA PHE A 359 2.70 16.37 28.17
C PHE A 359 3.86 16.47 29.16
N ASN A 360 4.90 15.70 28.88
CA ASN A 360 5.99 15.57 29.78
C ASN A 360 7.27 16.24 29.33
N LEU A 361 7.90 16.99 30.24
CA LEU A 361 9.16 17.65 29.96
C LEU A 361 10.36 16.92 30.59
N SER A 362 10.11 15.75 31.18
CA SER A 362 11.18 14.98 31.80
C SER A 362 11.43 13.58 31.23
N LEU A 363 10.95 13.32 30.02
CA LEU A 363 11.09 11.97 29.44
C LEU A 363 12.50 11.52 29.04
N GLY A 364 13.29 12.44 28.50
CA GLY A 364 14.68 12.12 28.16
C GLY A 364 14.87 11.62 26.75
N LYS A 372 12.20 23.25 27.59
CA LYS A 372 12.70 24.54 28.05
C LYS A 372 11.85 25.17 29.18
N PRO A 373 10.51 25.34 28.97
CA PRO A 373 9.64 25.87 30.04
C PRO A 373 9.84 25.13 31.34
N LYS A 374 9.87 25.86 32.45
CA LYS A 374 10.15 25.22 33.74
C LYS A 374 8.91 24.73 34.48
N GLU A 375 7.73 25.20 34.09
CA GLU A 375 6.49 24.65 34.63
C GLU A 375 5.69 24.06 33.48
N LEU A 376 5.42 22.75 33.56
CA LEU A 376 4.60 22.09 32.56
C LEU A 376 3.17 22.68 32.51
N TYR A 377 2.54 22.83 33.67
CA TYR A 377 1.24 23.49 33.76
C TYR A 377 1.52 24.95 34.06
N SER A 378 1.28 25.77 33.06
CA SER A 378 1.91 27.08 32.96
C SER A 378 1.06 27.77 31.91
N GLU A 379 1.11 29.10 31.87
CA GLU A 379 0.45 29.82 30.79
C GLU A 379 1.33 29.64 29.57
N GLU A 380 2.65 29.67 29.78
CA GLU A 380 3.57 29.45 28.67
C GLU A 380 3.28 28.06 28.08
N ALA A 381 3.30 27.01 28.90
CA ALA A 381 3.20 25.63 28.42
C ALA A 381 2.07 24.60 28.30
N VAL A 382 1.25 24.42 29.34
CA VAL A 382 0.11 23.44 29.25
C VAL A 382 -0.77 24.49 29.93
N ASN A 383 -1.90 24.82 29.31
CA ASN A 383 -2.71 25.86 29.83
C ASN A 383 -4.18 25.68 29.49
N GLY A 384 -5.02 26.68 29.80
CA GLY A 384 -6.46 26.59 29.61
C GLY A 384 -6.83 26.31 28.18
N GLU A 385 -6.11 26.90 27.24
CA GLU A 385 -6.25 26.64 25.81
C GLU A 385 -5.90 25.19 25.44
N THR A 386 -4.88 24.66 26.09
CA THR A 386 -4.43 23.30 25.82
C THR A 386 -5.51 22.34 26.28
N GLN A 387 -6.05 22.60 27.46
CA GLN A 387 -7.07 21.78 28.08
C GLN A 387 -8.32 21.74 27.20
N GLN A 388 -8.65 22.87 26.58
CA GLN A 388 -9.78 22.91 25.66
C GLN A 388 -9.47 22.10 24.40
N ALA A 389 -8.23 22.21 23.93
CA ALA A 389 -7.79 21.46 22.77
C ALA A 389 -7.78 19.97 23.11
N HIS A 390 -7.43 19.66 24.34
CA HIS A 390 -7.42 18.29 24.82
C HIS A 390 -8.83 17.73 24.91
N LEU A 391 -9.76 18.53 25.44
CA LEU A 391 -11.14 18.09 25.57
C LEU A 391 -11.75 17.83 24.19
N GLN A 392 -11.49 18.76 23.27
CA GLN A 392 -11.91 18.64 21.88
C GLN A 392 -11.39 17.33 21.25
N ALA A 393 -10.14 16.98 21.57
CA ALA A 393 -9.52 15.77 21.03
C ALA A 393 -10.28 14.56 21.56
N ILE A 394 -10.60 14.62 22.85
CA ILE A 394 -11.41 13.59 23.48
C ILE A 394 -12.78 13.52 22.80
N LYS A 395 -13.42 14.67 22.61
CA LYS A 395 -14.74 14.71 21.94
C LYS A 395 -14.70 14.05 20.58
N GLU A 396 -13.80 14.50 19.70
CA GLU A 396 -13.74 13.97 18.33
C GLU A 396 -13.44 12.48 18.29
N LEU A 397 -12.67 11.98 19.25
CA LEU A 397 -12.36 10.54 19.30
C LEU A 397 -13.58 9.74 19.72
N ILE A 398 -14.26 10.20 20.78
CA ILE A 398 -15.44 9.52 21.27
C ILE A 398 -16.58 9.60 20.24
N ALA A 399 -16.76 10.78 19.63
CA ALA A 399 -17.78 10.93 18.55
C ALA A 399 -17.53 9.92 17.46
N ARG A 400 -16.25 9.59 17.24
CA ARG A 400 -15.90 8.66 16.17
C ARG A 400 -16.13 7.21 16.57
N ASP A 401 -15.68 6.85 17.77
CA ASP A 401 -15.50 5.45 18.11
C ASP A 401 -16.52 4.88 19.10
N LYS A 402 -17.47 5.70 19.50
CA LYS A 402 -18.48 5.33 20.50
C LYS A 402 -19.29 4.05 20.21
N ASN A 403 -19.50 3.72 18.92
CA ASN A 403 -20.31 2.56 18.57
C ASN A 403 -19.52 1.28 18.28
N HIS A 404 -18.20 1.37 18.38
CA HIS A 404 -17.37 0.19 18.16
C HIS A 404 -17.33 -0.68 19.40
N PRO A 405 -17.95 -1.88 19.35
CA PRO A 405 -17.93 -2.74 20.53
C PRO A 405 -16.50 -3.19 20.90
N SER A 406 -15.57 -3.17 19.96
CA SER A 406 -14.18 -3.49 20.28
C SER A 406 -13.52 -2.50 21.27
N VAL A 407 -14.01 -1.25 21.31
CA VAL A 407 -13.47 -0.29 22.27
C VAL A 407 -14.09 -0.52 23.65
N VAL A 408 -13.24 -0.92 24.59
CA VAL A 408 -13.72 -1.25 25.93
C VAL A 408 -13.26 -0.21 26.95
N MET A 409 -12.40 0.70 26.49
CA MET A 409 -11.87 1.73 27.36
C MET A 409 -11.31 2.93 26.58
N TRP A 410 -11.44 4.12 27.16
CA TRP A 410 -10.85 5.36 26.60
C TRP A 410 -9.59 5.72 27.35
N SER A 411 -8.52 5.98 26.63
CA SER A 411 -7.29 6.47 27.24
C SER A 411 -7.10 7.92 26.85
N ILE A 412 -7.05 8.76 27.86
CA ILE A 412 -7.11 10.19 27.71
C ILE A 412 -5.77 10.83 27.30
N ALA A 413 -4.69 10.18 27.70
CA ALA A 413 -3.36 10.73 27.51
C ALA A 413 -2.38 9.62 27.81
N ASN A 414 -1.20 9.71 27.19
CA ASN A 414 -0.11 8.80 27.52
C ASN A 414 1.01 9.56 28.23
N GLU A 415 1.27 9.22 29.49
CA GLU A 415 2.49 9.69 30.18
C GLU A 415 2.62 11.20 30.40
N PRO A 416 1.58 11.84 30.94
CA PRO A 416 1.76 13.17 31.43
C PRO A 416 2.63 13.12 32.66
N ASP A 417 3.43 14.17 32.87
CA ASP A 417 4.11 14.37 34.15
C ASP A 417 3.10 14.81 35.21
N THR A 418 2.80 13.92 36.14
CA THR A 418 1.78 14.18 37.16
C THR A 418 2.37 14.66 38.49
N ARG A 419 3.66 14.95 38.54
CA ARG A 419 4.23 15.36 39.82
C ARG A 419 3.76 16.76 40.24
N PRO A 420 3.76 17.74 39.32
CA PRO A 420 3.43 19.09 39.78
C PRO A 420 1.98 19.17 40.20
N GLN A 421 1.70 19.98 41.23
CA GLN A 421 0.33 20.34 41.57
C GLN A 421 -0.16 21.05 40.33
N GLY A 422 -1.39 20.83 39.92
CA GLY A 422 -1.75 21.41 38.62
C GLY A 422 -1.98 20.37 37.56
N ALA A 423 -1.15 19.33 37.56
CA ALA A 423 -1.52 18.14 36.82
C ALA A 423 -2.95 17.74 37.18
N ARG A 424 -3.23 17.67 38.48
CA ARG A 424 -4.59 17.34 38.95
C ARG A 424 -5.61 18.40 38.55
N GLU A 425 -5.23 19.65 38.70
CA GLU A 425 -6.02 20.80 38.24
C GLU A 425 -6.45 20.63 36.79
N TYR A 426 -5.50 20.25 35.96
CA TYR A 426 -5.71 20.11 34.55
C TYR A 426 -6.51 18.84 34.17
N PHE A 427 -6.29 17.74 34.87
CA PHE A 427 -6.85 16.45 34.43
C PHE A 427 -8.20 16.09 35.01
N ALA A 428 -8.48 16.58 36.22
CA ALA A 428 -9.76 16.32 36.85
C ALA A 428 -10.95 16.72 35.94
N PRO A 429 -10.90 17.91 35.32
CA PRO A 429 -12.03 18.26 34.49
C PRO A 429 -12.14 17.41 33.24
N LEU A 430 -10.99 16.95 32.71
CA LEU A 430 -11.00 16.11 31.51
C LEU A 430 -11.58 14.75 31.86
N ALA A 431 -11.17 14.22 33.01
CA ALA A 431 -11.73 12.94 33.48
C ALA A 431 -13.26 13.01 33.57
N GLU A 432 -13.78 14.05 34.23
CA GLU A 432 -15.23 14.22 34.36
C GLU A 432 -15.91 14.36 33.02
N ALA A 433 -15.38 15.27 32.20
CA ALA A 433 -15.95 15.51 30.88
C ALA A 433 -16.03 14.22 30.08
N THR A 434 -14.91 13.50 30.01
CA THR A 434 -14.83 12.23 29.30
C THR A 434 -15.96 11.28 29.70
N ARG A 435 -16.18 11.16 31.00
CA ARG A 435 -17.22 10.25 31.48
C ARG A 435 -18.62 10.70 31.04
N LYS A 436 -18.87 12.02 31.02
CA LYS A 436 -20.13 12.54 30.47
C LYS A 436 -20.24 12.11 29.02
N LEU A 437 -19.14 12.27 28.27
CA LEU A 437 -19.16 11.95 26.86
C LEU A 437 -19.49 10.50 26.64
N ASP A 438 -18.92 9.61 27.46
CA ASP A 438 -19.24 8.20 27.32
C ASP A 438 -19.29 7.63 28.74
N PRO A 439 -20.51 7.30 29.17
CA PRO A 439 -20.86 6.70 30.46
C PRO A 439 -20.65 5.20 30.39
N THR A 440 -20.55 4.66 29.19
CA THR A 440 -20.57 3.21 28.99
C THR A 440 -19.19 2.53 29.03
N ARG A 441 -18.13 3.30 29.27
CA ARG A 441 -16.78 2.73 29.24
C ARG A 441 -15.85 3.25 30.32
N PRO A 442 -15.05 2.35 30.91
CA PRO A 442 -13.99 2.76 31.82
C PRO A 442 -13.06 3.71 31.14
N ILE A 443 -12.36 4.48 31.95
CA ILE A 443 -11.53 5.57 31.47
C ILE A 443 -10.16 5.39 32.13
N THR A 444 -9.11 5.81 31.44
CA THR A 444 -7.74 5.65 31.93
C THR A 444 -6.85 6.74 31.42
N CYS A 445 -5.70 6.89 32.07
CA CYS A 445 -4.67 7.82 31.63
C CYS A 445 -3.34 7.08 31.79
N VAL A 446 -2.68 6.77 30.68
CA VAL A 446 -1.54 5.86 30.77
C VAL A 446 -0.38 6.47 31.54
N ASN A 447 0.21 5.67 32.42
CA ASN A 447 1.13 6.19 33.45
C ASN A 447 2.62 5.93 33.22
N VAL A 448 3.42 7.00 33.28
CA VAL A 448 4.88 6.98 33.05
C VAL A 448 5.66 6.49 34.27
N MET A 449 6.76 5.80 34.02
CA MET A 449 7.47 5.08 35.09
C MET A 449 7.83 5.90 36.35
N PHE A 450 8.37 7.08 36.13
CA PHE A 450 8.80 7.94 37.22
C PHE A 450 7.68 8.59 38.06
N CYS A 451 6.43 8.58 37.57
CA CYS A 451 5.30 8.89 38.43
C CYS A 451 4.78 7.60 39.05
N ASP A 452 5.54 7.07 40.01
CA ASP A 452 5.26 5.76 40.54
C ASP A 452 4.15 5.85 41.56
N ALA A 453 3.83 4.71 42.18
CA ALA A 453 2.74 4.58 43.11
C ALA A 453 2.73 5.65 44.21
N HIS A 454 3.91 6.11 44.61
CA HIS A 454 4.00 7.07 45.71
C HIS A 454 3.99 8.52 45.28
N THR A 455 4.32 8.78 44.02
CA THR A 455 4.43 10.16 43.56
C THR A 455 3.35 10.65 42.59
N ASP A 456 2.66 9.73 41.94
CA ASP A 456 1.60 10.07 41.00
C ASP A 456 0.41 10.76 41.70
N THR A 457 -0.18 11.77 41.07
CA THR A 457 -1.24 12.55 41.72
C THR A 457 -2.63 12.46 41.07
N ILE A 458 -2.82 11.55 40.13
CA ILE A 458 -3.89 11.65 39.13
C ILE A 458 -4.71 10.38 38.99
N SER A 459 -4.09 9.24 39.29
CA SER A 459 -4.63 7.93 38.91
C SER A 459 -5.94 7.54 39.62
N ASP A 460 -6.16 8.09 40.80
CA ASP A 460 -7.43 7.86 41.50
C ASP A 460 -8.64 8.38 40.70
N LEU A 461 -8.42 9.32 39.78
CA LEU A 461 -9.52 9.91 39.02
C LEU A 461 -9.99 9.07 37.83
N PHE A 462 -9.34 7.93 37.60
CA PHE A 462 -9.68 7.06 36.47
C PHE A 462 -10.03 5.67 36.95
N ASP A 463 -10.47 4.79 36.06
CA ASP A 463 -11.07 3.52 36.47
C ASP A 463 -10.13 2.35 36.50
N VAL A 464 -9.14 2.37 35.60
CA VAL A 464 -8.21 1.28 35.42
C VAL A 464 -6.80 1.81 35.40
N LEU A 465 -5.90 1.09 36.05
CA LEU A 465 -4.52 1.53 36.09
C LEU A 465 -3.70 0.91 34.94
N CYS A 466 -3.16 1.76 34.07
CA CYS A 466 -2.40 1.31 32.91
C CYS A 466 -1.01 1.83 33.07
N LEU A 467 -0.08 0.92 33.35
CA LEU A 467 1.32 1.31 33.65
C LEU A 467 2.25 1.00 32.51
N ASN A 468 3.15 1.94 32.23
CA ASN A 468 4.25 1.75 31.29
C ASN A 468 5.54 1.56 32.10
N ARG A 469 6.07 0.33 32.13
CA ARG A 469 7.20 0.00 33.01
C ARG A 469 8.44 -0.56 32.31
N TYR A 470 9.57 -0.03 32.70
CA TYR A 470 10.82 -0.33 32.06
C TYR A 470 11.95 -0.65 33.00
N TYR A 471 11.63 -1.23 34.14
CA TYR A 471 12.63 -1.64 35.08
C TYR A 471 13.47 -2.70 34.43
N GLY A 472 14.76 -2.60 34.59
CA GLY A 472 15.68 -3.48 33.93
C GLY A 472 16.16 -2.97 32.59
N TRP A 473 15.67 -1.83 32.19
CA TRP A 473 16.09 -1.21 30.99
C TRP A 473 16.61 0.19 31.17
N TYR A 474 15.82 1.08 31.67
CA TYR A 474 16.14 2.54 31.61
C TYR A 474 16.67 2.72 32.99
N VAL A 475 16.46 1.71 33.80
CA VAL A 475 16.73 1.81 35.20
C VAL A 475 17.00 0.34 35.60
N GLN A 476 17.87 0.13 36.60
CA GLN A 476 18.45 -1.20 36.89
C GLN A 476 18.88 -1.92 35.61
N SER A 477 19.57 -1.21 34.73
CA SER A 477 19.88 -1.68 33.38
C SER A 477 20.64 -3.00 33.40
N GLY A 478 20.11 -3.95 32.64
CA GLY A 478 20.71 -5.30 32.56
C GLY A 478 20.47 -6.23 33.73
N ASP A 479 19.81 -5.73 34.76
CA ASP A 479 19.76 -6.47 36.02
C ASP A 479 18.37 -7.00 36.30
N LEU A 480 18.12 -8.22 35.84
CA LEU A 480 16.81 -8.84 35.93
C LEU A 480 16.42 -9.08 37.38
N GLU A 481 17.42 -9.41 38.18
CA GLU A 481 17.23 -9.79 39.55
C GLU A 481 16.67 -8.63 40.38
N THR A 482 17.31 -7.47 40.29
CA THR A 482 16.75 -6.35 41.00
C THR A 482 15.61 -5.64 40.28
N ALA A 483 15.64 -5.62 38.95
CA ALA A 483 14.46 -5.29 38.15
C ALA A 483 13.18 -5.96 38.67
N GLU A 484 13.25 -7.27 38.87
CA GLU A 484 12.10 -8.06 39.31
C GLU A 484 11.56 -7.64 40.67
N LYS A 485 12.47 -7.32 41.59
CA LYS A 485 12.06 -6.86 42.92
C LYS A 485 11.33 -5.52 42.88
N VAL A 486 11.86 -4.57 42.12
CA VAL A 486 11.30 -3.25 42.05
C VAL A 486 9.92 -3.34 41.37
N LEU A 487 9.78 -4.20 40.36
CA LEU A 487 8.55 -4.30 39.61
C LEU A 487 7.48 -4.84 40.55
N GLU A 488 7.78 -5.93 41.23
CA GLU A 488 6.78 -6.55 42.07
C GLU A 488 6.36 -5.58 43.17
N LYS A 489 7.33 -4.98 43.85
CA LYS A 489 7.02 -4.05 44.91
C LYS A 489 6.15 -2.87 44.42
N GLU A 490 6.46 -2.34 43.24
CA GLU A 490 5.71 -1.26 42.63
C GLU A 490 4.25 -1.64 42.31
N LEU A 491 4.05 -2.80 41.69
CA LEU A 491 2.70 -3.25 41.35
C LEU A 491 1.83 -3.52 42.58
N LEU A 492 2.44 -4.01 43.64
CA LEU A 492 1.68 -4.28 44.85
C LEU A 492 1.29 -2.96 45.53
N ALA A 493 2.22 -2.02 45.53
CA ALA A 493 1.95 -0.70 46.03
C ALA A 493 0.73 -0.11 45.32
N TRP A 494 0.70 -0.17 43.99
CA TRP A 494 -0.45 0.33 43.24
C TRP A 494 -1.73 -0.39 43.61
N GLN A 495 -1.66 -1.70 43.80
CA GLN A 495 -2.84 -2.48 44.08
C GLN A 495 -3.40 -1.97 45.38
N GLU A 496 -2.59 -1.97 46.44
CA GLU A 496 -3.06 -1.54 47.72
C GLU A 496 -3.45 -0.07 47.73
N LYS A 497 -2.75 0.77 46.96
CA LYS A 497 -3.10 2.19 46.86
C LYS A 497 -4.49 2.41 46.25
N LEU A 498 -4.77 1.79 45.11
CA LEU A 498 -5.98 2.15 44.37
C LEU A 498 -7.03 1.06 44.19
N HIS A 499 -6.64 -0.21 44.36
CA HIS A 499 -7.56 -1.36 44.20
C HIS A 499 -8.33 -1.32 42.89
N GLN A 500 -7.59 -0.98 41.85
CA GLN A 500 -8.09 -0.99 40.51
C GLN A 500 -7.45 -2.15 39.74
N PRO A 501 -8.04 -2.53 38.59
CA PRO A 501 -7.40 -3.45 37.69
C PRO A 501 -6.14 -2.77 37.12
N ILE A 502 -5.06 -3.53 37.03
CA ILE A 502 -3.82 -3.01 36.50
C ILE A 502 -3.57 -3.67 35.17
N ILE A 503 -3.30 -2.85 34.16
CA ILE A 503 -2.83 -3.35 32.89
C ILE A 503 -1.46 -2.74 32.67
N ILE A 504 -0.47 -3.57 32.36
CA ILE A 504 0.82 -3.03 31.97
C ILE A 504 0.69 -2.83 30.49
N THR A 505 0.42 -1.59 30.09
CA THR A 505 0.21 -1.22 28.70
C THR A 505 1.52 -1.09 27.94
N GLU A 506 2.64 -1.10 28.66
CA GLU A 506 3.93 -1.09 28.04
C GLU A 506 4.93 -1.81 28.90
N TYR A 507 5.59 -2.78 28.28
CA TYR A 507 6.83 -3.34 28.81
C TYR A 507 7.60 -3.93 27.63
N GLY A 508 8.89 -3.64 27.57
CA GLY A 508 9.70 -3.97 26.39
C GLY A 508 11.11 -3.46 26.47
N VAL A 509 11.98 -4.01 25.62
CA VAL A 509 13.42 -3.66 25.64
C VAL A 509 13.90 -3.57 24.21
N ASP A 510 14.79 -2.63 23.91
CA ASP A 510 15.29 -2.58 22.54
C ASP A 510 16.08 -3.81 22.24
N THR A 511 15.84 -4.34 21.05
CA THR A 511 16.43 -5.57 20.62
C THR A 511 16.79 -5.44 19.16
N LEU A 512 18.07 -5.56 18.89
CA LEU A 512 18.57 -5.55 17.53
C LEU A 512 18.38 -6.96 16.98
N ALA A 513 17.48 -7.12 16.01
CA ALA A 513 17.30 -8.45 15.40
C ALA A 513 18.66 -8.94 14.93
N GLY A 514 18.94 -10.21 15.17
CA GLY A 514 20.26 -10.73 14.82
C GLY A 514 21.39 -10.50 15.82
N LEU A 515 21.16 -9.73 16.89
CA LEU A 515 22.23 -9.54 17.88
C LEU A 515 22.03 -10.64 18.89
N HIS A 516 23.00 -11.55 18.96
CA HIS A 516 22.86 -12.71 19.85
C HIS A 516 23.98 -12.71 20.87
N SER A 517 23.66 -13.08 22.10
CA SER A 517 24.64 -13.04 23.18
C SER A 517 24.46 -14.20 24.16
N MET A 518 25.61 -14.76 24.57
CA MET A 518 25.63 -15.82 25.57
C MET A 518 25.40 -15.23 26.93
N TYR A 519 25.64 -13.92 27.05
CA TYR A 519 25.61 -13.27 28.36
C TYR A 519 24.24 -12.71 28.71
N THR A 520 23.33 -12.85 27.74
CA THR A 520 21.95 -12.40 27.82
C THR A 520 21.86 -11.00 28.41
N ASP A 521 22.54 -10.09 27.71
CA ASP A 521 22.67 -8.71 28.11
C ASP A 521 21.96 -7.80 27.13
N MET A 522 21.96 -6.51 27.45
CA MET A 522 21.09 -5.57 26.80
C MET A 522 21.24 -5.60 25.29
N TRP A 523 20.11 -5.36 24.59
CA TRP A 523 20.03 -5.31 23.13
C TRP A 523 20.33 -6.60 22.51
N SER A 524 19.89 -7.71 23.07
CA SER A 524 20.21 -9.00 22.41
C SER A 524 18.87 -9.63 22.44
N GLU A 525 18.62 -10.41 21.40
CA GLU A 525 17.43 -11.27 21.34
C GLU A 525 17.19 -12.06 22.59
N GLU A 526 18.25 -12.58 23.20
CA GLU A 526 18.10 -13.40 24.41
C GLU A 526 17.72 -12.59 25.63
N TYR A 527 18.18 -11.35 25.71
CA TYR A 527 17.79 -10.47 26.81
C TYR A 527 16.33 -10.09 26.67
N GLN A 528 15.92 -9.76 25.46
CA GLN A 528 14.49 -9.50 25.24
C GLN A 528 13.66 -10.66 25.74
N CYS A 529 14.10 -11.89 25.45
CA CYS A 529 13.39 -13.10 25.88
C CYS A 529 13.33 -13.25 27.38
N ALA A 530 14.48 -13.12 28.04
CA ALA A 530 14.58 -13.27 29.48
C ALA A 530 13.85 -12.13 30.21
N TRP A 531 13.92 -10.94 29.65
CA TRP A 531 13.30 -9.81 30.35
C TRP A 531 11.76 -9.92 30.34
N LEU A 532 11.17 -10.23 29.19
CA LEU A 532 9.70 -10.41 29.10
C LEU A 532 9.27 -11.54 30.02
N ASP A 533 10.12 -12.54 30.08
CA ASP A 533 9.82 -13.72 30.85
C ASP A 533 9.74 -13.38 32.33
N MET A 534 10.66 -12.52 32.78
CA MET A 534 10.70 -12.12 34.17
C MET A 534 9.45 -11.29 34.50
N TYR A 535 9.18 -10.30 33.66
CA TYR A 535 7.94 -9.55 33.76
C TYR A 535 6.73 -10.45 33.88
N HIS A 536 6.63 -11.46 33.01
CA HIS A 536 5.49 -12.42 33.11
C HIS A 536 5.37 -13.14 34.44
N ARG A 537 6.53 -13.50 35.00
CA ARG A 537 6.59 -14.20 36.25
C ARG A 537 5.94 -13.32 37.32
N VAL A 538 6.30 -12.05 37.33
CA VAL A 538 5.72 -11.11 38.29
C VAL A 538 4.22 -10.91 38.08
N PHE A 539 3.79 -10.71 36.83
CA PHE A 539 2.37 -10.46 36.53
C PHE A 539 1.55 -11.57 37.12
N ASP A 540 1.98 -12.81 36.92
CA ASP A 540 1.23 -13.95 37.38
C ASP A 540 1.17 -14.05 38.89
N ARG A 541 2.04 -13.35 39.61
CA ARG A 541 2.00 -13.35 41.08
C ARG A 541 1.14 -12.23 41.65
N VAL A 542 0.62 -11.36 40.79
CA VAL A 542 -0.14 -10.20 41.24
C VAL A 542 -1.59 -10.26 40.71
N SER A 543 -2.54 -10.52 41.62
CA SER A 543 -3.96 -10.61 41.30
C SER A 543 -4.56 -9.37 40.60
N ALA A 544 -4.09 -8.18 40.95
CA ALA A 544 -4.58 -6.94 40.32
C ALA A 544 -4.20 -6.82 38.85
N VAL A 545 -3.18 -7.55 38.42
CA VAL A 545 -2.75 -7.51 37.02
C VAL A 545 -3.70 -8.30 36.14
N VAL A 546 -4.25 -7.58 35.17
CA VAL A 546 -5.39 -7.98 34.41
C VAL A 546 -5.01 -7.90 32.94
N GLY A 547 -3.77 -7.54 32.66
CA GLY A 547 -3.41 -7.39 31.25
C GLY A 547 -1.98 -7.03 30.99
N GLU A 548 -1.52 -7.39 29.81
CA GLU A 548 -0.13 -7.27 29.44
C GLU A 548 -0.06 -6.90 27.98
N GLN A 549 0.44 -5.72 27.70
CA GLN A 549 0.58 -5.32 26.34
C GLN A 549 2.04 -4.94 26.16
N VAL A 550 2.71 -5.74 25.34
CA VAL A 550 4.14 -5.60 25.12
C VAL A 550 4.41 -4.34 24.32
N TRP A 551 5.43 -3.62 24.71
CA TRP A 551 5.93 -2.54 23.86
C TRP A 551 7.09 -2.92 22.97
N ASN A 552 6.71 -3.41 21.83
CA ASN A 552 5.89 -2.72 20.79
C ASN A 552 5.67 -3.85 19.80
N PHE A 553 4.58 -3.77 19.04
CA PHE A 553 4.34 -4.77 18.04
C PHE A 553 5.59 -4.86 17.15
N ALA A 554 6.03 -3.73 16.61
CA ALA A 554 7.16 -3.74 15.69
C ALA A 554 8.05 -2.50 15.80
N ASP A 555 9.32 -2.64 15.40
CA ASP A 555 10.25 -1.49 15.34
C ASP A 555 9.61 -0.33 14.57
N PHE A 556 9.83 0.89 15.00
CA PHE A 556 9.25 2.05 14.30
C PHE A 556 10.18 3.23 14.34
N ALA A 557 9.92 4.21 13.48
CA ALA A 557 10.77 5.41 13.43
C ALA A 557 10.54 6.37 14.59
N THR A 558 11.62 7.04 14.98
CA THR A 558 11.59 8.11 15.96
C THR A 558 12.45 9.26 15.42
N SER A 559 12.52 10.35 16.19
CA SER A 559 13.50 11.41 15.92
C SER A 559 14.88 10.80 16.13
N GLN A 560 15.90 11.43 15.54
CA GLN A 560 17.28 11.02 15.73
C GLN A 560 17.76 11.34 17.13
N GLY A 561 18.64 10.49 17.68
CA GLY A 561 19.30 10.77 18.94
C GLY A 561 20.20 9.61 19.33
N ILE A 562 20.86 9.72 20.47
CA ILE A 562 21.77 8.68 20.93
C ILE A 562 21.02 7.48 21.50
N LEU A 563 19.74 7.62 21.76
CA LEU A 563 19.02 6.56 22.45
C LEU A 563 18.29 5.63 21.50
N ARG A 564 18.26 6.00 20.22
CA ARG A 564 17.45 5.33 19.21
C ARG A 564 18.29 4.90 18.00
N VAL A 565 18.58 3.61 17.88
CA VAL A 565 19.45 3.13 16.81
C VAL A 565 18.64 2.93 15.52
N GLY A 566 18.63 3.97 14.71
CA GLY A 566 17.84 4.00 13.51
C GLY A 566 16.38 3.98 13.87
N GLY A 567 16.09 4.16 15.15
CA GLY A 567 14.69 4.18 15.59
C GLY A 567 14.49 3.38 16.84
N ASN A 568 13.23 3.12 17.17
CA ASN A 568 12.85 2.34 18.36
C ASN A 568 12.88 0.84 18.05
N LYS A 569 13.65 0.10 18.84
CA LYS A 569 13.91 -1.29 18.57
C LYS A 569 13.26 -2.24 19.54
N LYS A 570 12.14 -1.81 20.12
CA LYS A 570 11.43 -2.62 21.10
C LYS A 570 10.37 -3.53 20.48
N GLY A 571 10.38 -3.59 19.17
CA GLY A 571 9.43 -4.42 18.49
C GLY A 571 9.66 -5.89 18.75
N ILE A 572 8.59 -6.66 18.65
CA ILE A 572 8.65 -8.10 18.68
C ILE A 572 9.00 -8.53 17.27
N PHE A 573 8.49 -7.77 16.30
CA PHE A 573 8.86 -7.90 14.92
C PHE A 573 9.62 -6.67 14.51
N THR A 574 10.40 -6.81 13.43
CA THR A 574 11.11 -5.71 12.87
C THR A 574 10.13 -4.88 12.06
N ARG A 575 10.58 -3.78 11.48
CA ARG A 575 9.68 -2.93 10.72
C ARG A 575 9.13 -3.63 9.46
N ASP A 576 9.92 -4.54 8.89
CA ASP A 576 9.45 -5.38 7.77
C ASP A 576 8.68 -6.63 8.20
N ARG A 577 8.32 -6.68 9.48
CA ARG A 577 7.47 -7.72 10.08
C ARG A 577 8.12 -9.08 10.20
N LYS A 578 9.43 -9.07 10.42
CA LYS A 578 10.16 -10.29 10.72
C LYS A 578 10.20 -10.53 12.22
N PRO A 579 9.93 -11.78 12.65
CA PRO A 579 9.87 -12.10 14.05
C PRO A 579 11.26 -12.17 14.71
N LYS A 580 11.39 -11.59 15.90
CA LYS A 580 12.59 -11.73 16.69
C LYS A 580 12.28 -12.94 17.53
N SER A 581 13.27 -13.52 18.21
CA SER A 581 12.94 -14.76 18.91
C SER A 581 11.93 -14.57 20.02
N ALA A 582 11.76 -13.36 20.51
CA ALA A 582 10.76 -13.11 21.55
C ALA A 582 9.36 -13.37 21.02
N ALA A 583 9.18 -13.26 19.70
CA ALA A 583 7.86 -13.53 19.12
C ALA A 583 7.36 -14.96 19.42
N PHE A 584 8.27 -15.92 19.46
CA PHE A 584 7.91 -17.31 19.73
C PHE A 584 7.64 -17.52 21.19
N LEU A 585 8.39 -16.84 22.02
CA LEU A 585 8.16 -16.83 23.46
C LEU A 585 6.74 -16.37 23.72
N LEU A 586 6.37 -15.20 23.22
CA LEU A 586 4.98 -14.72 23.42
C LEU A 586 3.93 -15.68 22.84
N GLN A 587 4.18 -16.16 21.63
CA GLN A 587 3.31 -17.18 21.09
C GLN A 587 3.05 -18.29 22.10
N LYS A 588 4.08 -18.78 22.76
CA LYS A 588 3.87 -19.91 23.70
C LYS A 588 3.05 -19.52 24.93
N ARG A 589 3.39 -18.40 25.55
CA ARG A 589 2.60 -17.90 26.67
C ARG A 589 1.16 -17.61 26.25
N TRP A 590 0.96 -16.86 25.18
CA TRP A 590 -0.39 -16.42 24.83
C TRP A 590 -1.32 -17.48 24.24
N THR A 591 -0.84 -18.31 23.33
CA THR A 591 -1.68 -19.43 22.83
C THR A 591 -1.80 -20.55 23.86
N GLY A 592 -0.92 -20.57 24.85
CA GLY A 592 -0.95 -21.60 25.89
C GLY A 592 -1.91 -21.31 27.02
N MET A 593 -2.30 -20.06 27.18
CA MET A 593 -3.29 -19.66 28.18
C MET A 593 -4.67 -20.13 27.78
N ASN A 594 -5.58 -20.20 28.74
CA ASN A 594 -6.99 -20.24 28.39
C ASN A 594 -7.39 -18.88 27.87
N PHE A 595 -8.12 -18.87 26.75
CA PHE A 595 -8.44 -17.61 26.11
C PHE A 595 -9.03 -16.60 27.09
N GLY A 596 -8.54 -15.37 26.99
CA GLY A 596 -9.08 -14.27 27.79
C GLY A 596 -8.97 -14.47 29.28
N GLU A 597 -8.15 -15.42 29.69
CA GLU A 597 -8.10 -15.83 31.08
C GLU A 597 -6.67 -15.71 31.58
N LYS A 598 -6.56 -15.34 32.85
CA LYS A 598 -5.29 -15.05 33.48
C LYS A 598 -4.61 -16.34 33.96
N PRO A 599 -3.29 -16.47 33.73
CA PRO A 599 -2.67 -17.71 34.18
C PRO A 599 -2.89 -17.88 35.72
N GLN A 600 -2.79 -19.12 36.20
CA GLN A 600 -2.99 -19.43 37.58
C GLN A 600 -1.67 -19.24 38.39
N GLN A 601 -0.73 -18.49 37.80
CA GLN A 601 0.58 -18.22 38.44
C GLN A 601 1.40 -19.51 38.60
N GLY A 602 1.26 -20.39 37.61
CA GLY A 602 2.09 -21.56 37.47
C GLY A 602 1.83 -21.99 36.04
N GLY A 603 2.76 -22.77 35.47
CA GLY A 603 2.65 -23.24 34.08
C GLY A 603 1.32 -23.87 33.73
N SER B 1 -10.31 -9.40 -27.67
CA SER B 1 -10.77 -8.15 -26.99
C SER B 1 -9.95 -6.93 -27.40
N HIS B 2 -10.62 -5.77 -27.34
CA HIS B 2 -10.03 -4.47 -27.64
C HIS B 2 -9.67 -3.83 -26.30
N MET B 3 -8.54 -3.12 -26.23
CA MET B 3 -8.01 -2.71 -24.91
C MET B 3 -7.64 -1.21 -24.73
N LEU B 4 -8.46 -0.51 -23.95
CA LEU B 4 -8.25 0.90 -23.64
C LEU B 4 -8.14 1.18 -22.15
N ARG B 5 -7.21 2.05 -21.77
CA ARG B 5 -6.98 2.45 -20.36
C ARG B 5 -8.13 3.33 -19.84
N PRO B 6 -9.00 2.82 -18.94
CA PRO B 6 -10.13 3.63 -18.50
C PRO B 6 -9.67 4.92 -17.87
N VAL B 7 -10.33 6.01 -18.24
CA VAL B 7 -10.02 7.35 -17.75
C VAL B 7 -11.33 8.09 -17.56
N GLU B 8 -11.32 9.10 -16.69
CA GLU B 8 -12.50 9.90 -16.36
C GLU B 8 -12.86 11.25 -17.00
N THR B 9 -13.73 11.21 -17.98
CA THR B 9 -14.33 12.40 -18.55
C THR B 9 -15.78 12.54 -18.46
N PRO B 10 -16.46 11.99 -19.47
CA PRO B 10 -17.93 11.86 -19.47
C PRO B 10 -18.20 10.42 -19.02
N THR B 11 -17.07 9.73 -18.84
CA THR B 11 -16.93 8.34 -18.40
C THR B 11 -16.57 8.20 -16.95
N ARG B 12 -17.18 7.26 -16.25
CA ARG B 12 -16.90 7.11 -14.83
C ARG B 12 -16.49 5.69 -14.44
N GLU B 13 -15.68 5.58 -13.39
CA GLU B 13 -15.26 4.30 -12.80
C GLU B 13 -15.31 4.31 -11.28
N ILE B 14 -15.71 3.18 -10.71
CA ILE B 14 -15.66 2.97 -9.27
C ILE B 14 -14.69 1.81 -9.09
N LYS B 15 -13.63 2.05 -8.33
CA LYS B 15 -12.69 0.97 -8.05
C LYS B 15 -13.31 0.10 -7.00
N LYS B 16 -13.31 -1.20 -7.28
CA LYS B 16 -13.69 -2.17 -6.28
C LYS B 16 -12.44 -2.63 -5.55
N LEU B 17 -11.31 -2.13 -6.05
CA LEU B 17 -9.99 -2.38 -5.51
C LEU B 17 -9.91 -1.84 -4.11
N ASP B 18 -10.97 -1.14 -3.69
CA ASP B 18 -11.18 -0.88 -2.26
C ASP B 18 -10.90 -2.33 -1.87
N GLY B 19 -10.03 -2.49 -0.88
CA GLY B 19 -9.19 -3.67 -0.75
C GLY B 19 -9.82 -4.90 -0.17
N LEU B 20 -10.71 -4.76 0.80
CA LEU B 20 -11.09 -5.93 1.58
C LEU B 20 -12.14 -6.79 0.83
N TRP B 21 -11.65 -7.88 0.24
CA TRP B 21 -12.50 -8.89 -0.35
C TRP B 21 -12.49 -10.09 0.57
N ALA B 22 -13.49 -10.96 0.42
CA ALA B 22 -13.50 -12.21 1.15
C ALA B 22 -12.65 -13.20 0.36
N PHE B 23 -11.93 -14.05 1.07
CA PHE B 23 -10.94 -14.91 0.45
C PHE B 23 -10.98 -16.31 1.04
N SER B 24 -10.71 -17.30 0.21
CA SER B 24 -10.70 -18.68 0.62
C SER B 24 -9.79 -19.48 -0.30
N LEU B 25 -9.18 -20.53 0.25
CA LEU B 25 -8.52 -21.53 -0.59
C LEU B 25 -9.51 -22.64 -0.86
N ASP B 26 -9.41 -23.23 -2.04
CA ASP B 26 -10.21 -24.40 -2.36
C ASP B 26 -9.11 -25.45 -2.46
N ARG B 27 -8.90 -26.16 -1.35
CA ARG B 27 -7.89 -27.20 -1.30
C ARG B 27 -8.51 -28.42 -1.94
N GLU B 28 -9.83 -28.56 -1.82
CA GLU B 28 -10.51 -29.77 -2.30
C GLU B 28 -11.02 -29.65 -3.71
N ASN B 29 -10.72 -28.53 -4.37
CA ASN B 29 -11.12 -28.34 -5.76
C ASN B 29 -12.62 -28.64 -5.95
N CYS B 30 -13.44 -28.12 -5.02
CA CYS B 30 -14.91 -28.25 -5.05
C CYS B 30 -15.50 -27.00 -5.65
N GLY B 31 -14.71 -25.95 -5.66
CA GLY B 31 -15.18 -24.60 -5.90
C GLY B 31 -16.05 -24.46 -7.10
N ILE B 32 -15.54 -24.89 -8.25
CA ILE B 32 -16.29 -24.83 -9.51
C ILE B 32 -17.50 -25.76 -9.45
N ASP B 33 -17.28 -26.99 -8.97
CA ASP B 33 -18.33 -28.00 -8.86
C ASP B 33 -19.55 -27.51 -8.08
N GLN B 34 -19.32 -26.73 -7.03
CA GLN B 34 -20.41 -26.32 -6.16
C GLN B 34 -20.92 -24.92 -6.38
N ARG B 35 -20.42 -24.27 -7.43
CA ARG B 35 -20.89 -22.95 -7.85
C ARG B 35 -20.75 -22.04 -6.62
N TRP B 36 -19.60 -22.14 -5.94
CA TRP B 36 -19.29 -21.31 -4.79
C TRP B 36 -19.64 -19.87 -5.01
N TRP B 37 -19.65 -19.49 -6.27
CA TRP B 37 -19.97 -18.14 -6.69
C TRP B 37 -21.39 -17.70 -6.43
N GLU B 38 -22.22 -18.64 -6.02
CA GLU B 38 -23.65 -18.40 -5.84
C GLU B 38 -23.97 -17.97 -4.41
N SER B 39 -23.09 -18.26 -3.47
CA SER B 39 -23.30 -17.93 -2.07
C SER B 39 -22.05 -17.33 -1.43
N ALA B 40 -22.23 -16.68 -0.28
CA ALA B 40 -21.08 -16.16 0.46
C ALA B 40 -20.07 -17.27 0.68
N LEU B 41 -18.80 -17.01 0.36
CA LEU B 41 -17.75 -17.97 0.60
C LEU B 41 -17.79 -18.19 2.09
N GLN B 42 -17.81 -19.45 2.52
CA GLN B 42 -17.62 -19.76 3.93
C GLN B 42 -16.17 -20.06 4.20
N GLU B 43 -15.83 -20.33 5.45
CA GLU B 43 -14.43 -20.54 5.87
C GLU B 43 -13.56 -19.48 5.21
N SER B 44 -14.13 -18.28 5.13
CA SER B 44 -13.60 -17.14 4.41
C SER B 44 -12.79 -16.27 5.36
N ARG B 45 -11.91 -15.46 4.81
CA ARG B 45 -11.18 -14.47 5.60
C ARG B 45 -10.89 -13.25 4.74
N ALA B 46 -10.62 -12.13 5.39
CA ALA B 46 -10.37 -10.88 4.69
C ALA B 46 -9.02 -10.88 4.01
N ILE B 47 -8.98 -10.34 2.81
CA ILE B 47 -7.76 -10.21 2.04
C ILE B 47 -7.76 -8.86 1.36
N ALA B 48 -6.59 -8.34 1.04
CA ALA B 48 -6.49 -7.04 0.43
C ALA B 48 -6.28 -7.14 -1.07
N VAL B 49 -7.08 -6.38 -1.82
CA VAL B 49 -6.81 -6.27 -3.23
C VAL B 49 -6.63 -4.89 -3.84
N PRO B 50 -5.38 -4.53 -4.09
CA PRO B 50 -4.57 -5.24 -5.08
C PRO B 50 -3.40 -5.75 -4.22
N GLY B 51 -2.96 -6.97 -4.49
CA GLY B 51 -1.87 -7.62 -3.74
C GLY B 51 -1.82 -9.12 -4.01
N SER B 52 -0.62 -9.72 -3.88
CA SER B 52 -0.48 -11.17 -3.93
C SER B 52 -1.17 -11.75 -2.71
N PHE B 53 -1.80 -12.90 -2.84
CA PHE B 53 -2.39 -13.56 -1.67
C PHE B 53 -1.36 -14.26 -0.80
N ASN B 54 -0.21 -14.63 -1.38
CA ASN B 54 0.79 -15.49 -0.72
C ASN B 54 1.35 -15.04 0.63
N ASP B 55 1.79 -13.78 0.70
CA ASP B 55 2.49 -13.25 1.88
C ASP B 55 1.63 -12.41 2.84
N GLN B 56 0.34 -12.19 2.51
CA GLN B 56 -0.54 -11.37 3.36
C GLN B 56 -0.83 -11.99 4.73
N PHE B 57 -0.70 -13.31 4.83
CA PHE B 57 -1.10 -14.04 6.04
C PHE B 57 0.04 -14.64 6.88
N ALA B 58 1.30 -14.36 6.53
CA ALA B 58 2.44 -14.99 7.23
C ALA B 58 2.27 -16.49 7.44
N ASP B 59 1.73 -17.17 6.44
CA ASP B 59 1.47 -18.60 6.55
C ASP B 59 2.15 -19.31 5.39
N ALA B 60 3.02 -20.25 5.72
CA ALA B 60 3.73 -21.01 4.71
C ALA B 60 2.77 -21.80 3.82
N ASP B 61 1.83 -22.49 4.45
CA ASP B 61 0.84 -23.30 3.75
C ASP B 61 -0.03 -22.56 2.75
N ILE B 62 -0.28 -21.28 3.01
CA ILE B 62 -0.92 -20.45 2.01
C ILE B 62 0.09 -19.96 0.97
N ARG B 63 1.32 -19.68 1.40
CA ARG B 63 2.34 -19.12 0.51
C ARG B 63 2.71 -20.08 -0.61
N ASN B 64 2.74 -21.37 -0.28
CA ASN B 64 3.18 -22.39 -1.22
C ASN B 64 1.99 -23.08 -1.92
N TYR B 65 0.79 -22.54 -1.70
CA TYR B 65 -0.41 -23.11 -2.26
C TYR B 65 -0.42 -23.13 -3.79
N ALA B 66 -0.83 -24.25 -4.36
CA ALA B 66 -1.07 -24.34 -5.80
C ALA B 66 -2.49 -24.80 -6.08
N GLY B 67 -3.23 -24.01 -6.84
CA GLY B 67 -4.56 -24.45 -7.27
C GLY B 67 -5.46 -23.24 -7.29
N ASN B 68 -6.76 -23.47 -7.07
CA ASN B 68 -7.74 -22.39 -7.01
C ASN B 68 -7.96 -21.73 -5.67
N VAL B 69 -7.95 -20.40 -5.69
CA VAL B 69 -8.34 -19.57 -4.56
C VAL B 69 -9.56 -18.76 -4.96
N TRP B 70 -10.40 -18.43 -3.99
CA TRP B 70 -11.64 -17.72 -4.27
C TRP B 70 -11.69 -16.32 -3.67
N TYR B 71 -11.95 -15.34 -4.54
CA TYR B 71 -12.12 -13.94 -4.12
C TYR B 71 -13.56 -13.53 -4.27
N GLN B 72 -14.16 -12.98 -3.21
CA GLN B 72 -15.54 -12.54 -3.26
C GLN B 72 -15.74 -11.17 -2.61
N ARG B 73 -16.64 -10.38 -3.19
CA ARG B 73 -16.91 -9.00 -2.77
C ARG B 73 -18.27 -8.52 -3.29
N GLU B 74 -19.01 -7.78 -2.47
CA GLU B 74 -20.26 -7.17 -2.89
C GLU B 74 -20.08 -5.70 -3.20
N VAL B 75 -20.76 -5.21 -4.23
CA VAL B 75 -20.61 -3.83 -4.65
C VAL B 75 -21.92 -3.18 -5.16
N PHE B 76 -22.35 -2.11 -4.49
CA PHE B 76 -23.49 -1.28 -4.90
C PHE B 76 -23.19 -0.54 -6.21
N ILE B 77 -23.93 -0.86 -7.26
CA ILE B 77 -23.81 -0.17 -8.55
C ILE B 77 -24.34 1.27 -8.42
N PRO B 78 -23.61 2.27 -8.96
CA PRO B 78 -24.03 3.68 -8.85
C PRO B 78 -25.31 3.97 -9.66
N LYS B 79 -26.16 4.83 -9.10
CA LYS B 79 -27.49 5.11 -9.64
C LYS B 79 -27.49 5.87 -10.98
N GLY B 80 -26.51 6.75 -11.18
CA GLY B 80 -26.37 7.51 -12.43
C GLY B 80 -25.80 6.74 -13.61
N TRP B 81 -25.39 5.50 -13.36
CA TRP B 81 -24.97 4.58 -14.41
C TRP B 81 -26.12 3.61 -14.65
N ALA B 82 -27.06 3.97 -15.51
CA ALA B 82 -28.23 3.12 -15.74
C ALA B 82 -28.66 2.52 -17.08
N GLY B 83 -28.29 3.23 -18.17
CA GLY B 83 -28.52 2.75 -19.52
C GLY B 83 -27.17 3.01 -20.17
N GLN B 84 -26.15 3.30 -19.35
CA GLN B 84 -24.78 3.47 -19.84
C GLN B 84 -24.14 2.12 -20.04
N ARG B 85 -23.05 2.10 -20.81
CA ARG B 85 -22.20 0.92 -20.89
C ARG B 85 -21.41 0.81 -19.58
N ILE B 86 -21.49 -0.38 -18.97
CA ILE B 86 -20.73 -0.70 -17.76
C ILE B 86 -19.72 -1.80 -18.08
N VAL B 87 -18.46 -1.55 -17.77
CA VAL B 87 -17.39 -2.52 -18.03
C VAL B 87 -16.68 -2.92 -16.74
N LEU B 88 -16.56 -4.22 -16.50
CA LEU B 88 -15.79 -4.70 -15.38
C LEU B 88 -14.36 -4.98 -15.84
N ARG B 89 -13.40 -4.33 -15.20
CA ARG B 89 -12.01 -4.42 -15.61
C ARG B 89 -11.06 -4.81 -14.50
N PHE B 90 -10.23 -5.79 -14.82
CA PHE B 90 -9.13 -6.23 -13.96
C PHE B 90 -7.86 -5.95 -14.70
N ASP B 91 -7.00 -5.09 -14.16
CA ASP B 91 -5.75 -4.79 -14.84
C ASP B 91 -4.80 -5.99 -14.85
N ALA B 92 -4.92 -6.84 -13.85
CA ALA B 92 -4.20 -8.10 -13.83
C ALA B 92 -4.73 -9.04 -12.76
N VAL B 93 -4.88 -10.30 -13.13
CA VAL B 93 -5.19 -11.38 -12.16
C VAL B 93 -4.18 -12.49 -12.38
N THR B 94 -3.35 -12.74 -11.39
CA THR B 94 -2.17 -13.52 -11.70
C THR B 94 -2.43 -14.99 -11.92
N HIS B 95 -2.01 -15.31 -13.15
CA HIS B 95 -2.28 -16.48 -13.97
C HIS B 95 -3.68 -16.69 -14.57
N TYR B 96 -4.71 -16.87 -13.75
CA TYR B 96 -6.03 -17.20 -14.33
C TYR B 96 -7.23 -16.81 -13.45
N GLY B 97 -8.19 -16.11 -14.04
CA GLY B 97 -9.41 -15.73 -13.33
C GLY B 97 -10.71 -16.16 -14.00
N LYS B 98 -11.69 -16.56 -13.19
CA LYS B 98 -13.05 -16.85 -13.65
C LYS B 98 -14.01 -16.07 -12.78
N VAL B 99 -14.80 -15.19 -13.42
CA VAL B 99 -15.60 -14.20 -12.71
C VAL B 99 -17.11 -14.46 -12.83
N TRP B 100 -17.82 -14.38 -11.70
CA TRP B 100 -19.27 -14.43 -11.69
C TRP B 100 -19.84 -13.18 -11.05
N VAL B 101 -20.98 -12.74 -11.57
CA VAL B 101 -21.82 -11.72 -10.97
C VAL B 101 -23.16 -12.34 -10.63
N ASN B 102 -23.35 -12.71 -9.36
CA ASN B 102 -24.59 -13.33 -8.93
C ASN B 102 -25.01 -14.51 -9.80
N ASN B 103 -24.16 -15.53 -9.84
CA ASN B 103 -24.47 -16.76 -10.56
C ASN B 103 -24.50 -16.51 -12.06
N GLN B 104 -23.77 -15.50 -12.53
CA GLN B 104 -23.73 -15.24 -13.96
C GLN B 104 -22.25 -15.19 -14.31
N GLU B 105 -21.77 -16.23 -14.98
CA GLU B 105 -20.39 -16.29 -15.46
C GLU B 105 -20.18 -15.24 -16.53
N VAL B 106 -19.23 -14.35 -16.28
CA VAL B 106 -19.03 -13.17 -17.13
C VAL B 106 -17.69 -13.12 -17.89
N MET B 107 -16.63 -13.77 -17.39
CA MET B 107 -15.32 -13.71 -18.06
C MET B 107 -14.26 -14.72 -17.57
N GLU B 108 -13.28 -14.99 -18.43
CA GLU B 108 -12.17 -15.91 -18.15
C GLU B 108 -10.88 -15.40 -18.79
N HIS B 109 -9.75 -15.59 -18.11
CA HIS B 109 -8.47 -15.09 -18.63
C HIS B 109 -7.23 -15.89 -18.23
N GLN B 110 -6.34 -16.07 -19.22
CA GLN B 110 -5.02 -16.66 -18.99
C GLN B 110 -3.95 -15.61 -19.31
N GLY B 111 -3.05 -15.39 -18.33
CA GLY B 111 -2.07 -14.31 -18.37
C GLY B 111 -2.21 -13.38 -17.17
N GLY B 112 -1.20 -13.40 -16.30
CA GLY B 112 -1.29 -12.70 -15.03
C GLY B 112 -0.87 -11.24 -15.00
N TYR B 113 -0.56 -10.67 -16.15
CA TYR B 113 0.03 -9.35 -16.21
C TYR B 113 -0.68 -8.36 -17.17
N THR B 114 -1.86 -8.75 -17.67
CA THR B 114 -2.63 -7.87 -18.58
C THR B 114 -4.13 -7.82 -18.31
N PRO B 115 -4.76 -6.67 -18.58
CA PRO B 115 -6.15 -6.50 -18.24
C PRO B 115 -7.10 -7.35 -19.07
N PHE B 116 -8.26 -7.62 -18.47
CA PHE B 116 -9.36 -8.24 -19.17
C PHE B 116 -10.66 -7.61 -18.68
N GLU B 117 -11.56 -7.35 -19.63
CA GLU B 117 -12.79 -6.61 -19.34
C GLU B 117 -14.00 -7.14 -20.09
N ALA B 118 -15.18 -6.98 -19.47
CA ALA B 118 -16.46 -7.35 -20.09
C ALA B 118 -17.61 -6.43 -19.66
N ASP B 119 -18.54 -6.19 -20.58
CA ASP B 119 -19.76 -5.43 -20.29
C ASP B 119 -20.70 -6.25 -19.44
N VAL B 120 -21.15 -5.67 -18.32
CA VAL B 120 -22.00 -6.40 -17.37
C VAL B 120 -23.41 -5.79 -17.20
N THR B 121 -23.73 -4.81 -18.05
CA THR B 121 -25.00 -4.08 -18.03
C THR B 121 -26.23 -4.99 -17.86
N PRO B 122 -26.30 -6.10 -18.63
CA PRO B 122 -27.44 -7.00 -18.52
C PRO B 122 -27.58 -7.74 -17.19
N TYR B 123 -26.46 -7.97 -16.48
CA TYR B 123 -26.49 -8.83 -15.29
C TYR B 123 -26.52 -8.06 -13.98
N VAL B 124 -26.45 -6.73 -14.10
CA VAL B 124 -26.40 -5.84 -12.96
C VAL B 124 -27.48 -4.75 -13.00
N ILE B 125 -28.09 -4.48 -11.84
CA ILE B 125 -29.14 -3.46 -11.73
C ILE B 125 -28.66 -2.24 -10.95
N ALA B 126 -28.74 -1.07 -11.57
CA ALA B 126 -28.17 0.17 -11.02
C ALA B 126 -28.85 0.63 -9.72
N GLY B 127 -28.03 0.84 -8.69
CA GLY B 127 -28.51 1.24 -7.37
C GLY B 127 -28.69 0.04 -6.46
N LYS B 128 -28.36 -1.14 -7.00
CA LYS B 128 -28.43 -2.41 -6.27
C LYS B 128 -27.06 -3.00 -5.99
N SER B 129 -26.99 -3.88 -5.00
CA SER B 129 -25.76 -4.58 -4.69
C SER B 129 -25.67 -5.90 -5.46
N VAL B 130 -24.55 -6.10 -6.13
CA VAL B 130 -24.25 -7.37 -6.77
C VAL B 130 -23.03 -8.02 -6.17
N ARG B 131 -23.04 -9.33 -6.15
CA ARG B 131 -21.98 -10.11 -5.57
C ARG B 131 -20.99 -10.49 -6.65
N ILE B 132 -19.72 -10.20 -6.40
CA ILE B 132 -18.64 -10.55 -7.30
C ILE B 132 -17.77 -11.67 -6.74
N THR B 133 -17.65 -12.74 -7.51
CA THR B 133 -16.83 -13.89 -7.15
C THR B 133 -15.82 -14.17 -8.26
N VAL B 134 -14.59 -14.44 -7.85
CA VAL B 134 -13.47 -14.71 -8.75
C VAL B 134 -12.74 -15.99 -8.35
N CYS B 135 -12.43 -16.80 -9.35
CA CYS B 135 -11.63 -18.00 -9.18
C CYS B 135 -10.27 -17.68 -9.78
N VAL B 136 -9.27 -17.71 -8.91
CA VAL B 136 -7.90 -17.40 -9.30
C VAL B 136 -7.05 -18.66 -9.22
N ASN B 137 -6.39 -18.93 -10.33
CA ASN B 137 -5.57 -20.11 -10.48
C ASN B 137 -4.13 -19.68 -10.69
N ASN B 138 -3.23 -20.33 -9.99
CA ASN B 138 -1.80 -19.97 -10.04
C ASN B 138 -0.92 -21.01 -10.75
N GLU B 139 -1.54 -22.15 -11.11
CA GLU B 139 -0.86 -23.26 -11.75
C GLU B 139 -0.28 -22.86 -13.10
N LEU B 140 0.95 -23.33 -13.35
CA LEU B 140 1.62 -23.12 -14.62
C LEU B 140 1.95 -24.45 -15.26
N ASN B 141 1.84 -24.50 -16.58
CA ASN B 141 2.21 -25.68 -17.36
C ASN B 141 2.94 -25.29 -18.63
N TRP B 142 3.20 -26.26 -19.47
CA TRP B 142 3.92 -26.01 -20.71
C TRP B 142 3.25 -25.05 -21.69
N GLN B 143 1.92 -25.00 -21.65
CA GLN B 143 1.12 -24.12 -22.52
C GLN B 143 1.07 -22.71 -21.98
N THR B 144 1.54 -22.55 -20.76
CA THR B 144 1.35 -21.31 -20.03
C THR B 144 2.49 -20.31 -20.24
N ILE B 145 2.29 -19.04 -19.93
CA ILE B 145 3.42 -18.12 -19.97
C ILE B 145 3.59 -17.40 -18.63
N PRO B 146 4.76 -17.51 -17.99
CA PRO B 146 5.86 -18.41 -18.38
C PRO B 146 5.53 -19.85 -18.01
N PRO B 147 6.24 -20.83 -18.59
CA PRO B 147 5.86 -22.22 -18.36
C PRO B 147 6.26 -22.77 -16.99
N GLY B 148 5.74 -23.95 -16.66
CA GLY B 148 6.07 -24.66 -15.42
C GLY B 148 5.54 -26.09 -15.52
N MET B 149 5.80 -26.90 -14.49
CA MET B 149 5.22 -28.23 -14.37
C MET B 149 4.65 -28.38 -12.97
N VAL B 150 3.42 -28.86 -12.86
CA VAL B 150 2.86 -29.11 -11.54
C VAL B 150 2.76 -30.60 -11.20
N ILE B 151 3.31 -30.96 -10.04
CA ILE B 151 3.35 -32.35 -9.58
C ILE B 151 2.36 -32.57 -8.43
N THR B 152 1.55 -33.62 -8.59
CA THR B 152 0.64 -34.07 -7.55
C THR B 152 1.33 -35.17 -6.74
N ASP B 153 1.49 -34.93 -5.44
CA ASP B 153 2.34 -35.79 -4.60
C ASP B 153 1.75 -37.19 -4.38
N GLU B 154 2.53 -38.02 -3.70
CA GLU B 154 2.15 -39.38 -3.33
C GLU B 154 0.99 -39.37 -2.34
N ASN B 155 0.84 -38.25 -1.63
CA ASN B 155 -0.26 -38.02 -0.71
C ASN B 155 -1.50 -37.44 -1.40
N GLY B 156 -1.33 -36.84 -2.58
CA GLY B 156 -2.44 -36.31 -3.37
C GLY B 156 -2.49 -34.80 -3.64
N LYS B 157 -1.72 -34.00 -2.91
CA LYS B 157 -1.72 -32.53 -3.05
C LYS B 157 -0.80 -32.02 -4.18
N LYS B 158 -1.08 -30.81 -4.67
CA LYS B 158 -0.32 -30.20 -5.76
C LYS B 158 0.89 -29.37 -5.30
N LYS B 159 2.01 -29.52 -5.99
CA LYS B 159 3.18 -28.63 -5.82
C LYS B 159 3.66 -28.06 -7.17
N GLN B 160 3.85 -26.74 -7.22
CA GLN B 160 4.24 -26.07 -8.46
C GLN B 160 5.73 -26.10 -8.66
N SER B 161 6.14 -26.29 -9.91
CA SER B 161 7.54 -26.17 -10.26
C SER B 161 7.62 -25.26 -11.47
N TYR B 162 8.67 -24.43 -11.51
CA TYR B 162 8.85 -23.44 -12.58
C TYR B 162 10.31 -23.11 -12.73
N PHE B 163 10.65 -22.41 -13.81
CA PHE B 163 12.05 -22.31 -14.25
C PHE B 163 12.60 -20.90 -14.29
N HIS B 164 11.83 -19.95 -13.78
CA HIS B 164 12.30 -18.58 -13.72
C HIS B 164 12.70 -18.28 -12.29
N ASP B 165 13.66 -17.36 -12.13
CA ASP B 165 14.30 -17.15 -10.86
C ASP B 165 13.29 -16.58 -9.84
N PHE B 166 12.53 -15.56 -10.20
CA PHE B 166 11.62 -14.95 -9.22
C PHE B 166 10.52 -15.87 -8.71
N PHE B 167 9.93 -15.50 -7.57
CA PHE B 167 8.89 -16.29 -6.90
C PHE B 167 7.48 -16.19 -7.55
N ASN B 168 6.75 -17.30 -7.50
CA ASN B 168 5.46 -17.45 -8.19
C ASN B 168 4.49 -16.84 -7.19
N TYR B 169 4.29 -15.53 -7.29
CA TYR B 169 3.29 -14.82 -6.48
C TYR B 169 2.08 -14.79 -7.41
N ALA B 170 0.92 -14.97 -6.80
CA ALA B 170 -0.33 -15.06 -7.51
C ALA B 170 -1.37 -14.28 -6.69
N GLY B 171 -2.58 -14.18 -7.24
CA GLY B 171 -3.65 -13.41 -6.61
C GLY B 171 -3.98 -12.21 -7.47
N ILE B 172 -4.85 -11.33 -6.97
CA ILE B 172 -5.24 -10.16 -7.77
C ILE B 172 -4.27 -9.02 -7.53
N HIS B 173 -3.33 -8.89 -8.46
CA HIS B 173 -2.17 -8.03 -8.27
C HIS B 173 -2.39 -6.57 -8.54
N ARG B 174 -3.31 -6.29 -9.45
CA ARG B 174 -3.60 -4.94 -9.83
C ARG B 174 -5.06 -4.63 -9.59
N SER B 175 -5.43 -3.38 -9.78
CA SER B 175 -6.75 -2.90 -9.44
C SER B 175 -7.88 -3.57 -10.19
N VAL B 176 -9.06 -3.61 -9.57
CA VAL B 176 -10.28 -3.95 -10.29
C VAL B 176 -11.23 -2.76 -10.28
N MET B 177 -11.76 -2.45 -11.46
CA MET B 177 -12.64 -1.31 -11.59
C MET B 177 -13.88 -1.64 -12.40
N LEU B 178 -15.00 -1.11 -11.92
CA LEU B 178 -16.25 -0.97 -12.67
C LEU B 178 -16.11 0.35 -13.40
N TYR B 179 -16.79 0.49 -14.54
CA TYR B 179 -16.27 1.26 -15.65
C TYR B 179 -17.50 1.65 -16.48
N THR B 180 -17.59 2.93 -16.85
CA THR B 180 -18.79 3.43 -17.51
C THR B 180 -18.52 4.00 -18.88
N THR B 181 -19.47 3.82 -19.77
CA THR B 181 -19.34 4.34 -21.10
C THR B 181 -20.73 4.56 -21.74
N PRO B 182 -20.87 5.54 -22.64
CA PRO B 182 -22.15 5.68 -23.34
C PRO B 182 -22.42 4.48 -24.26
N ASN B 183 -23.70 4.21 -24.56
CA ASN B 183 -24.09 3.06 -25.38
C ASN B 183 -23.38 3.01 -26.72
N THR B 184 -22.96 4.17 -27.19
CA THR B 184 -22.05 4.32 -28.30
C THR B 184 -20.74 4.84 -27.73
N TRP B 185 -19.63 4.17 -28.03
CA TRP B 185 -18.35 4.55 -27.41
C TRP B 185 -17.07 4.17 -28.17
N VAL B 186 -15.94 4.61 -27.63
CA VAL B 186 -14.62 4.21 -28.12
C VAL B 186 -14.13 2.97 -27.34
N ASP B 187 -13.63 1.95 -28.04
CA ASP B 187 -12.92 0.84 -27.38
C ASP B 187 -11.54 0.57 -27.94
N ASP B 188 -11.11 1.42 -28.88
CA ASP B 188 -9.78 1.28 -29.46
C ASP B 188 -9.21 2.55 -30.04
N ILE B 189 -7.89 2.65 -29.96
CA ILE B 189 -7.12 3.70 -30.62
C ILE B 189 -5.74 3.14 -30.97
N THR B 190 -5.05 3.86 -31.83
CA THR B 190 -3.65 3.63 -32.16
C THR B 190 -3.09 4.94 -32.68
N VAL B 191 -1.86 5.25 -32.31
CA VAL B 191 -1.18 6.47 -32.74
C VAL B 191 0.27 6.15 -33.09
N VAL B 192 0.81 6.90 -34.06
CA VAL B 192 2.22 6.77 -34.43
C VAL B 192 2.81 8.17 -34.54
N THR B 193 4.09 8.30 -34.20
CA THR B 193 4.78 9.56 -34.35
C THR B 193 5.87 9.47 -35.41
N HIS B 194 5.89 10.45 -36.31
CA HIS B 194 7.01 10.62 -37.22
C HIS B 194 7.62 11.98 -36.94
N VAL B 195 8.95 12.02 -36.86
CA VAL B 195 9.69 13.25 -36.63
C VAL B 195 10.96 13.20 -37.45
N ALA B 196 11.03 13.99 -38.52
CA ALA B 196 12.22 13.99 -39.36
C ALA B 196 13.09 15.20 -39.05
N GLN B 197 14.19 14.94 -38.36
CA GLN B 197 15.17 15.98 -37.99
C GLN B 197 14.59 17.07 -37.08
N ASP B 198 13.62 16.70 -36.26
CA ASP B 198 13.05 17.57 -35.21
C ASP B 198 12.44 18.87 -35.75
N CYS B 199 12.21 18.92 -37.06
CA CYS B 199 11.36 19.93 -37.64
C CYS B 199 9.96 19.43 -37.36
N ASN B 200 8.96 20.28 -37.57
CA ASN B 200 7.57 19.86 -37.47
C ASN B 200 7.29 18.51 -38.14
N HIS B 201 6.74 17.56 -37.38
CA HIS B 201 6.20 16.37 -38.03
C HIS B 201 4.99 15.71 -37.39
N ALA B 202 4.53 14.64 -38.04
CA ALA B 202 3.17 14.18 -37.90
C ALA B 202 2.90 13.01 -37.00
N SER B 203 1.64 12.93 -36.59
CA SER B 203 1.13 11.85 -35.78
C SER B 203 -0.05 11.28 -36.54
N VAL B 204 0.00 10.01 -36.88
CA VAL B 204 -1.13 9.40 -37.58
C VAL B 204 -2.04 8.73 -36.57
N ASP B 205 -3.29 9.15 -36.52
CA ASP B 205 -4.27 8.41 -35.72
C ASP B 205 -4.83 7.27 -36.55
N TRP B 206 -5.24 6.24 -35.84
CA TRP B 206 -6.17 5.25 -36.36
C TRP B 206 -7.03 4.90 -35.16
N GLN B 207 -8.33 4.89 -35.36
CA GLN B 207 -9.24 4.68 -34.26
C GLN B 207 -10.34 3.68 -34.60
N VAL B 208 -11.03 3.22 -33.56
CA VAL B 208 -12.23 2.42 -33.71
C VAL B 208 -13.39 3.07 -32.95
N VAL B 209 -14.35 3.59 -33.71
CA VAL B 209 -15.59 4.09 -33.12
C VAL B 209 -16.65 3.02 -33.18
N ALA B 210 -17.06 2.53 -32.01
CA ALA B 210 -18.16 1.58 -31.94
C ALA B 210 -19.42 2.39 -32.14
N ASN B 211 -19.85 2.41 -33.40
CA ASN B 211 -20.94 3.24 -33.92
C ASN B 211 -21.03 4.76 -33.72
N GLY B 212 -19.93 5.44 -34.05
CA GLY B 212 -19.90 6.90 -34.11
C GLY B 212 -18.90 7.53 -35.06
N ASP B 213 -19.10 8.80 -35.37
CA ASP B 213 -18.11 9.58 -36.12
C ASP B 213 -17.21 10.29 -35.12
N VAL B 214 -15.97 10.57 -35.50
CA VAL B 214 -15.08 11.31 -34.60
C VAL B 214 -14.41 12.57 -35.14
N SER B 215 -14.30 13.54 -34.25
CA SER B 215 -13.69 14.85 -34.54
C SER B 215 -12.19 14.93 -34.24
N VAL B 216 -11.67 14.05 -33.38
CA VAL B 216 -10.21 13.92 -33.13
C VAL B 216 -9.15 15.01 -32.93
N GLU B 217 -9.49 16.07 -32.19
CA GLU B 217 -8.49 17.10 -31.91
C GLU B 217 -7.29 16.95 -30.97
N LEU B 218 -6.12 17.31 -31.49
CA LEU B 218 -4.87 17.28 -30.71
C LEU B 218 -4.69 18.57 -29.95
N ARG B 219 -4.48 18.44 -28.64
CA ARG B 219 -4.21 19.59 -27.80
C ARG B 219 -2.79 19.56 -27.27
N ASP B 220 -2.22 20.75 -27.17
CA ASP B 220 -0.95 20.94 -26.49
C ASP B 220 -1.17 20.77 -24.99
N ALA B 221 -0.08 20.70 -24.22
CA ALA B 221 -0.14 20.63 -22.77
C ALA B 221 -1.00 21.75 -22.17
N ASP B 222 -1.22 22.81 -22.95
CA ASP B 222 -2.02 23.96 -22.51
C ASP B 222 -3.46 23.88 -23.01
N GLN B 223 -3.84 22.71 -23.51
CA GLN B 223 -5.18 22.45 -24.05
C GLN B 223 -5.49 23.39 -25.22
N GLN B 224 -4.43 23.79 -25.91
CA GLN B 224 -4.50 24.66 -27.08
C GLN B 224 -4.43 23.81 -28.34
N VAL B 225 -5.55 23.74 -29.04
CA VAL B 225 -5.68 22.90 -30.23
C VAL B 225 -4.66 23.33 -31.28
N VAL B 226 -3.76 22.42 -31.64
CA VAL B 226 -2.72 22.72 -32.62
C VAL B 226 -2.89 21.88 -33.90
N ALA B 227 -3.88 20.98 -33.88
CA ALA B 227 -4.26 20.19 -35.05
C ALA B 227 -5.60 19.46 -34.88
N THR B 228 -6.24 19.15 -36.00
CA THR B 228 -7.57 18.51 -36.03
C THR B 228 -7.72 17.63 -37.27
N GLY B 229 -8.46 16.54 -37.10
CA GLY B 229 -8.86 15.66 -38.21
C GLY B 229 -10.29 15.22 -37.93
N GLN B 230 -11.00 14.76 -38.94
CA GLN B 230 -12.39 14.32 -38.75
C GLN B 230 -12.47 12.88 -39.22
N GLY B 231 -11.45 12.49 -39.96
CA GLY B 231 -11.31 11.13 -40.48
C GLY B 231 -11.07 10.31 -39.24
N THR B 232 -12.14 9.69 -38.77
CA THR B 232 -12.14 8.95 -37.51
C THR B 232 -11.35 7.67 -37.67
N SER B 233 -10.98 7.35 -38.90
CA SER B 233 -10.32 6.09 -39.15
C SER B 233 -8.85 6.24 -39.53
N GLY B 234 -8.48 7.35 -40.17
CA GLY B 234 -7.09 7.57 -40.53
C GLY B 234 -6.78 9.03 -40.76
N THR B 235 -5.76 9.53 -40.08
CA THR B 235 -5.34 10.92 -40.26
C THR B 235 -3.83 11.15 -40.19
N LEU B 236 -3.47 12.43 -40.20
CA LEU B 236 -2.11 12.94 -40.02
C LEU B 236 -2.18 14.39 -39.54
N GLN B 237 -1.22 14.77 -38.68
CA GLN B 237 -1.19 16.10 -38.06
C GLN B 237 0.26 16.59 -38.04
N VAL B 238 0.48 17.87 -38.32
CA VAL B 238 1.84 18.38 -38.58
C VAL B 238 2.05 19.79 -37.97
N VAL B 239 2.99 19.93 -37.03
CA VAL B 239 3.38 21.27 -36.52
C VAL B 239 4.79 21.25 -35.92
N ASN B 240 5.41 22.43 -35.79
CA ASN B 240 6.75 22.54 -35.17
C ASN B 240 6.83 21.66 -33.92
N PRO B 241 7.89 20.85 -33.85
CA PRO B 241 7.72 19.49 -33.36
C PRO B 241 7.33 19.40 -31.88
N HIS B 242 8.09 20.10 -31.04
CA HIS B 242 8.09 19.91 -29.59
C HIS B 242 8.30 18.55 -28.92
N LEU B 243 9.43 17.95 -29.28
CA LEU B 243 9.71 16.53 -28.99
C LEU B 243 9.52 16.00 -27.58
N TRP B 244 8.82 14.86 -27.48
CA TRP B 244 8.89 14.00 -26.31
C TRP B 244 10.33 13.57 -26.19
N GLN B 245 11.03 14.07 -25.18
CA GLN B 245 12.44 13.76 -24.98
C GLN B 245 12.72 13.06 -23.65
N PRO B 246 13.75 12.19 -23.61
CA PRO B 246 14.00 11.39 -22.41
C PRO B 246 14.33 12.22 -21.17
N GLY B 247 14.86 13.43 -21.39
CA GLY B 247 15.19 14.34 -20.28
C GLY B 247 13.96 14.68 -19.43
N GLU B 248 12.94 15.21 -20.10
CA GLU B 248 11.73 15.73 -19.44
C GLU B 248 10.42 15.08 -19.89
N GLY B 249 10.41 14.52 -21.09
CA GLY B 249 9.27 13.78 -21.62
C GLY B 249 7.94 14.43 -21.93
N TYR B 250 8.00 15.61 -22.53
CA TYR B 250 6.78 16.34 -22.87
C TYR B 250 5.71 15.61 -23.68
N LEU B 251 4.46 15.79 -23.26
CA LEU B 251 3.35 15.10 -23.89
C LEU B 251 2.28 16.04 -24.45
N TYR B 252 1.65 15.59 -25.52
CA TYR B 252 0.44 16.23 -26.06
C TYR B 252 -0.76 15.39 -25.64
N GLU B 253 -1.95 15.90 -25.92
CA GLU B 253 -3.18 15.20 -25.60
C GLU B 253 -4.06 15.10 -26.84
N LEU B 254 -4.59 13.91 -27.09
CA LEU B 254 -5.48 13.71 -28.23
C LEU B 254 -6.87 13.35 -27.75
N CYS B 255 -7.78 14.30 -27.87
CA CYS B 255 -9.18 14.04 -27.57
C CYS B 255 -9.75 13.22 -28.72
N VAL B 256 -10.27 12.04 -28.38
CA VAL B 256 -10.97 11.22 -29.35
C VAL B 256 -12.45 11.32 -29.05
N THR B 257 -13.15 11.97 -29.98
CA THR B 257 -14.55 12.27 -29.82
C THR B 257 -15.31 11.31 -30.71
N ALA B 258 -16.30 10.60 -30.17
CA ALA B 258 -17.05 9.61 -30.92
C ALA B 258 -18.56 9.89 -30.82
N LYS B 259 -19.18 10.21 -31.96
CA LYS B 259 -20.53 10.77 -31.99
C LYS B 259 -21.65 9.87 -32.51
N SER B 260 -22.69 9.75 -31.69
CA SER B 260 -23.96 9.16 -32.10
C SER B 260 -25.05 10.21 -31.96
N GLN B 261 -26.26 9.88 -32.43
CA GLN B 261 -27.40 10.78 -32.40
C GLN B 261 -27.72 11.36 -31.02
N THR B 262 -27.67 10.50 -30.00
CA THR B 262 -28.06 10.85 -28.64
C THR B 262 -26.85 11.04 -27.73
N GLU B 263 -25.75 10.39 -28.07
CA GLU B 263 -24.60 10.33 -27.17
C GLU B 263 -23.27 10.66 -27.81
N CYS B 264 -22.43 11.37 -27.06
CA CYS B 264 -21.06 11.64 -27.46
C CYS B 264 -20.10 11.05 -26.41
N ASP B 265 -19.09 10.34 -26.90
CA ASP B 265 -18.09 9.78 -26.04
C ASP B 265 -16.75 10.43 -26.33
N ILE B 266 -16.27 11.22 -25.37
CA ILE B 266 -14.96 11.84 -25.49
C ILE B 266 -13.97 10.95 -24.76
N TYR B 267 -13.01 10.44 -25.52
CA TYR B 267 -11.90 9.70 -24.95
C TYR B 267 -10.60 10.47 -25.12
N PRO B 268 -9.81 10.56 -24.03
CA PRO B 268 -8.54 11.27 -24.09
C PRO B 268 -7.31 10.33 -24.10
N LEU B 269 -6.33 10.64 -24.96
CA LEU B 269 -5.08 9.90 -25.04
C LEU B 269 -3.91 10.88 -24.90
N ARG B 270 -2.77 10.38 -24.44
CA ARG B 270 -1.60 11.21 -24.29
C ARG B 270 -0.59 10.79 -25.35
N VAL B 271 0.07 11.76 -25.95
CA VAL B 271 0.95 11.48 -27.09
C VAL B 271 2.32 12.12 -26.88
N GLY B 272 3.35 11.32 -27.08
CA GLY B 272 4.72 11.78 -27.03
C GLY B 272 5.40 11.69 -28.37
N ILE B 273 5.61 12.86 -28.99
CA ILE B 273 6.27 12.98 -30.30
C ILE B 273 7.76 12.64 -30.21
N ARG B 274 8.11 11.46 -30.72
CA ARG B 274 9.47 10.96 -30.64
C ARG B 274 9.71 9.83 -31.62
N SER B 275 10.98 9.55 -31.87
CA SER B 275 11.40 8.57 -32.89
C SER B 275 12.39 7.60 -32.29
N VAL B 276 12.25 6.35 -32.70
CA VAL B 276 13.07 5.26 -32.20
C VAL B 276 13.35 4.33 -33.36
N ALA B 277 14.64 4.10 -33.62
CA ALA B 277 15.10 3.17 -34.65
C ALA B 277 16.59 2.94 -34.46
N VAL B 278 17.11 1.89 -35.08
CA VAL B 278 18.53 1.63 -35.06
C VAL B 278 19.18 2.01 -36.40
N LYS B 279 20.35 2.65 -36.32
CA LYS B 279 21.25 2.80 -37.48
C LYS B 279 22.57 2.13 -37.11
N GLY B 280 22.82 0.96 -37.70
CA GLY B 280 24.01 0.17 -37.40
C GLY B 280 24.10 -0.21 -35.93
N GLU B 281 25.05 0.41 -35.24
CA GLU B 281 25.43 0.05 -33.87
C GLU B 281 24.79 0.93 -32.80
N GLN B 282 23.80 1.71 -33.21
CA GLN B 282 23.30 2.80 -32.40
C GLN B 282 21.80 2.76 -32.22
N PHE B 283 21.37 3.02 -31.00
CA PHE B 283 19.97 3.17 -30.71
C PHE B 283 19.77 4.68 -30.68
N LEU B 284 18.93 5.17 -31.59
CA LEU B 284 18.73 6.59 -31.75
C LEU B 284 17.40 7.00 -31.17
N ILE B 285 17.46 7.98 -30.27
CA ILE B 285 16.27 8.63 -29.72
C ILE B 285 16.04 9.91 -30.48
N ASN B 286 14.87 10.01 -31.09
CA ASN B 286 14.58 11.10 -32.00
C ASN B 286 15.77 11.43 -32.89
N HIS B 287 16.19 10.42 -33.64
CA HIS B 287 17.28 10.54 -34.61
C HIS B 287 18.60 10.94 -33.94
N LYS B 288 18.75 10.60 -32.67
CA LYS B 288 19.95 10.96 -31.91
C LYS B 288 20.37 9.86 -30.93
N PRO B 289 21.68 9.49 -30.92
CA PRO B 289 22.28 8.44 -30.09
C PRO B 289 21.91 8.47 -28.61
N PHE B 290 21.26 7.41 -28.16
CA PHE B 290 20.90 7.25 -26.76
C PHE B 290 21.78 6.18 -26.13
N TYR B 291 22.09 6.35 -24.85
CA TYR B 291 22.78 5.34 -24.05
C TYR B 291 22.01 5.04 -22.76
N PHE B 292 21.57 3.80 -22.63
CA PHE B 292 20.69 3.37 -21.54
C PHE B 292 21.44 3.30 -20.23
N THR B 293 20.80 3.81 -19.19
CA THR B 293 21.25 3.57 -17.81
C THR B 293 20.03 3.17 -17.01
N GLY B 294 20.24 2.35 -16.00
CA GLY B 294 19.14 1.98 -15.12
C GLY B 294 19.08 0.49 -14.97
N PHE B 295 17.89 -0.03 -14.72
CA PHE B 295 17.82 -1.37 -14.16
C PHE B 295 16.97 -2.37 -14.86
N GLY B 296 17.27 -3.63 -14.62
CA GLY B 296 16.27 -4.67 -14.67
C GLY B 296 15.55 -4.56 -13.34
N ARG B 297 14.23 -4.62 -13.39
CA ARG B 297 13.47 -4.50 -12.16
C ARG B 297 12.48 -5.66 -12.04
N HIS B 298 11.91 -5.79 -10.85
CA HIS B 298 10.78 -6.67 -10.59
C HIS B 298 9.63 -5.98 -9.88
N GLU B 299 8.48 -6.63 -9.86
CA GLU B 299 7.35 -6.18 -9.05
C GLU B 299 7.32 -7.07 -7.83
N ASP B 300 7.88 -6.57 -6.75
CA ASP B 300 8.15 -7.37 -5.57
C ASP B 300 8.35 -6.36 -4.47
N ALA B 301 7.81 -6.67 -3.29
CA ALA B 301 7.90 -5.82 -2.11
C ALA B 301 7.48 -6.67 -0.94
N ASP B 302 7.61 -6.14 0.26
CA ASP B 302 7.46 -6.91 1.46
C ASP B 302 6.15 -7.63 1.77
N LEU B 303 4.99 -7.04 1.69
CA LEU B 303 3.92 -7.93 2.21
C LEU B 303 2.88 -8.17 1.11
N ARG B 304 2.79 -7.17 0.25
CA ARG B 304 2.05 -7.26 -0.98
C ARG B 304 3.14 -7.99 -1.70
N GLY B 305 2.85 -8.78 -2.70
CA GLY B 305 3.98 -9.49 -3.27
C GLY B 305 4.33 -8.70 -4.51
N LYS B 306 3.56 -8.96 -5.55
CA LYS B 306 3.66 -8.24 -6.81
C LYS B 306 2.49 -7.27 -6.95
N GLY B 307 1.68 -7.17 -5.89
CA GLY B 307 0.55 -6.26 -5.87
C GLY B 307 1.01 -4.83 -6.05
N PHE B 308 0.29 -4.08 -6.88
CA PHE B 308 0.63 -2.68 -7.11
C PHE B 308 0.51 -1.85 -5.84
N ASP B 309 1.32 -0.80 -5.72
CA ASP B 309 1.22 0.15 -4.60
C ASP B 309 1.81 1.51 -4.99
N ASN B 310 0.97 2.54 -4.91
CA ASN B 310 1.36 3.90 -5.25
C ASN B 310 2.58 4.42 -4.45
N VAL B 311 2.57 4.26 -3.13
CA VAL B 311 3.67 4.73 -2.32
C VAL B 311 4.99 4.07 -2.78
N LEU B 312 4.91 2.78 -3.05
CA LEU B 312 6.08 2.07 -3.51
C LEU B 312 6.51 2.63 -4.88
N MET B 313 5.54 2.90 -5.73
CA MET B 313 5.87 3.46 -7.04
C MET B 313 6.48 4.86 -6.94
N VAL B 314 5.94 5.70 -6.08
CA VAL B 314 6.46 7.05 -5.91
C VAL B 314 7.89 6.95 -5.41
N HIS B 315 8.09 6.15 -4.38
CA HIS B 315 9.40 5.97 -3.77
C HIS B 315 10.46 5.39 -4.72
N ASP B 316 10.13 4.31 -5.40
CA ASP B 316 11.09 3.71 -6.33
C ASP B 316 11.56 4.69 -7.42
N HIS B 317 10.64 5.49 -7.96
CA HIS B 317 11.00 6.46 -8.97
C HIS B 317 11.88 7.56 -8.43
N ALA B 318 11.65 7.96 -7.18
CA ALA B 318 12.50 8.93 -6.49
C ALA B 318 13.94 8.40 -6.47
N LEU B 319 14.07 7.11 -6.23
CA LEU B 319 15.38 6.47 -6.13
C LEU B 319 16.06 6.31 -7.47
N MET B 320 15.29 5.96 -8.49
CA MET B 320 15.83 5.80 -9.83
C MET B 320 16.29 7.16 -10.37
N ASP B 321 15.45 8.17 -10.17
CA ASP B 321 15.79 9.54 -10.54
C ASP B 321 17.08 9.96 -9.82
N TRP B 322 17.09 9.83 -8.50
CA TRP B 322 18.29 10.14 -7.70
C TRP B 322 19.55 9.46 -8.21
N ILE B 323 19.46 8.18 -8.57
CA ILE B 323 20.64 7.40 -8.97
C ILE B 323 21.08 7.60 -10.43
N GLY B 324 20.23 8.24 -11.22
CA GLY B 324 20.58 8.57 -12.60
C GLY B 324 20.10 7.57 -13.61
N ALA B 325 19.25 6.64 -13.19
CA ALA B 325 18.57 5.74 -14.12
C ALA B 325 17.78 6.57 -15.11
N ASN B 326 17.89 6.22 -16.39
CA ASN B 326 17.05 6.81 -17.43
C ASN B 326 16.14 5.77 -18.02
N SER B 327 16.40 4.52 -17.66
CA SER B 327 15.74 3.40 -18.29
C SER B 327 15.63 2.24 -17.35
N TYR B 328 14.59 1.43 -17.59
CA TYR B 328 14.50 0.10 -17.01
C TYR B 328 13.77 -0.89 -17.94
N ARG B 329 13.80 -2.17 -17.58
CA ARG B 329 13.07 -3.18 -18.34
C ARG B 329 12.02 -3.82 -17.44
N THR B 330 10.81 -4.03 -17.97
CA THR B 330 9.77 -4.70 -17.20
C THR B 330 10.24 -6.17 -17.28
N SER B 331 10.88 -6.62 -16.20
CA SER B 331 11.58 -7.87 -16.17
C SER B 331 10.47 -8.89 -16.12
N HIS B 332 10.56 -9.82 -17.08
CA HIS B 332 9.92 -11.13 -17.07
C HIS B 332 8.43 -11.27 -16.91
N TYR B 333 7.79 -10.12 -17.11
CA TYR B 333 6.36 -9.95 -17.12
C TYR B 333 6.12 -8.45 -17.37
N PRO B 334 4.95 -8.09 -17.89
CA PRO B 334 4.61 -6.70 -18.13
C PRO B 334 4.21 -6.07 -16.78
N TYR B 335 4.61 -4.81 -16.56
CA TYR B 335 4.35 -4.13 -15.31
C TYR B 335 2.99 -3.48 -15.32
N ALA B 336 2.61 -2.92 -14.16
CA ALA B 336 1.40 -2.13 -14.01
C ALA B 336 1.51 -0.87 -14.87
N GLU B 337 0.49 -0.66 -15.70
CA GLU B 337 0.45 0.45 -16.65
C GLU B 337 0.71 1.81 -15.99
N GLU B 338 0.41 1.91 -14.70
CA GLU B 338 0.71 3.11 -13.92
C GLU B 338 2.17 3.48 -14.08
N MET B 339 3.02 2.46 -14.11
CA MET B 339 4.46 2.62 -14.21
C MET B 339 4.84 3.27 -15.54
N LEU B 340 4.06 2.95 -16.57
CA LEU B 340 4.32 3.42 -17.94
C LEU B 340 3.82 4.84 -18.18
N ASP B 341 2.71 5.19 -17.54
CA ASP B 341 2.24 6.58 -17.49
C ASP B 341 3.28 7.43 -16.78
N TRP B 342 3.85 6.91 -15.70
CA TRP B 342 4.89 7.65 -14.98
C TRP B 342 6.07 7.89 -15.90
N ALA B 343 6.50 6.84 -16.60
CA ALA B 343 7.63 6.94 -17.51
C ALA B 343 7.32 7.87 -18.69
N ASP B 344 6.09 7.78 -19.21
CA ASP B 344 5.62 8.69 -20.24
C ASP B 344 5.69 10.13 -19.75
N GLU B 345 5.21 10.33 -18.53
CA GLU B 345 5.06 11.66 -17.96
C GLU B 345 6.39 12.26 -17.51
N HIS B 346 7.29 11.40 -17.03
CA HIS B 346 8.56 11.90 -16.53
C HIS B 346 9.65 11.71 -17.58
N GLY B 347 9.27 11.10 -18.70
CA GLY B 347 10.22 10.86 -19.77
C GLY B 347 11.23 9.76 -19.51
N ILE B 348 10.83 8.73 -18.76
CA ILE B 348 11.71 7.59 -18.54
C ILE B 348 11.61 6.60 -19.70
N VAL B 349 12.73 5.98 -20.03
CA VAL B 349 12.78 5.04 -21.13
C VAL B 349 12.54 3.59 -20.63
N VAL B 350 11.67 2.87 -21.31
CA VAL B 350 11.24 1.56 -20.87
C VAL B 350 11.41 0.50 -21.96
N ILE B 351 12.18 -0.53 -21.67
CA ILE B 351 12.22 -1.70 -22.54
C ILE B 351 11.11 -2.60 -22.04
N ASP B 352 10.05 -2.69 -22.82
CA ASP B 352 8.88 -3.42 -22.36
C ASP B 352 9.06 -4.91 -22.64
N GLU B 353 8.65 -5.75 -21.69
CA GLU B 353 8.84 -7.20 -21.81
C GLU B 353 7.62 -8.05 -21.45
N THR B 354 7.44 -9.13 -22.21
CA THR B 354 6.40 -10.12 -21.97
C THR B 354 6.77 -11.03 -20.81
N ALA B 355 5.84 -11.90 -20.41
CA ALA B 355 6.05 -12.82 -19.29
C ALA B 355 6.75 -14.12 -19.67
N ALA B 356 7.31 -14.15 -20.88
CA ALA B 356 7.87 -15.37 -21.46
C ALA B 356 9.32 -15.58 -21.07
N VAL B 357 9.50 -16.05 -19.84
CA VAL B 357 10.82 -16.39 -19.30
C VAL B 357 10.75 -17.86 -18.86
N GLY B 358 11.90 -18.53 -18.79
CA GLY B 358 11.97 -19.91 -18.34
C GLY B 358 11.78 -20.96 -19.42
N PHE B 359 12.01 -20.58 -20.67
CA PHE B 359 12.05 -21.52 -21.80
C PHE B 359 13.19 -22.51 -21.74
N ASN B 360 14.07 -22.30 -20.77
CA ASN B 360 15.35 -22.98 -20.74
C ASN B 360 15.44 -24.05 -19.66
N LEU B 361 16.21 -25.09 -19.93
CA LEU B 361 16.29 -26.23 -19.01
C LEU B 361 17.68 -26.34 -18.38
N SER B 362 18.49 -25.31 -18.56
CA SER B 362 19.89 -25.34 -18.15
C SER B 362 20.23 -24.21 -17.17
N LEU B 363 19.21 -23.43 -16.81
CA LEU B 363 19.41 -22.26 -15.96
C LEU B 363 19.87 -22.60 -14.54
N GLY B 364 19.35 -23.72 -14.01
CA GLY B 364 19.62 -24.12 -12.64
C GLY B 364 18.42 -23.92 -11.75
N LYS B 372 13.35 -32.60 -17.01
CA LYS B 372 12.72 -33.91 -17.09
C LYS B 372 12.23 -34.23 -18.52
N PRO B 373 11.82 -33.20 -19.30
CA PRO B 373 11.62 -33.43 -20.74
C PRO B 373 12.94 -33.39 -21.52
N LYS B 374 13.07 -34.26 -22.51
CA LYS B 374 14.30 -34.40 -23.30
C LYS B 374 14.54 -33.23 -24.27
N GLU B 375 13.49 -32.76 -24.95
CA GLU B 375 13.63 -31.74 -25.99
C GLU B 375 12.83 -30.48 -25.72
N LEU B 376 13.52 -29.38 -25.41
CA LEU B 376 12.86 -28.11 -25.08
C LEU B 376 11.74 -27.75 -26.06
N TYR B 377 12.05 -27.76 -27.35
CA TYR B 377 11.02 -27.52 -28.37
C TYR B 377 10.57 -28.86 -28.87
N SER B 378 9.42 -29.28 -28.38
CA SER B 378 8.87 -30.61 -28.62
C SER B 378 7.46 -30.66 -28.04
N GLU B 379 6.67 -31.61 -28.52
CA GLU B 379 5.32 -31.86 -28.01
C GLU B 379 5.30 -32.01 -26.49
N GLU B 380 6.42 -32.47 -25.93
CA GLU B 380 6.58 -32.73 -24.50
C GLU B 380 6.81 -31.45 -23.67
N ALA B 381 7.41 -30.45 -24.32
CA ALA B 381 7.89 -29.26 -23.63
C ALA B 381 7.31 -27.97 -24.19
N VAL B 382 7.86 -27.50 -25.31
CA VAL B 382 7.37 -26.29 -25.90
C VAL B 382 6.93 -26.67 -27.29
N ASN B 383 5.64 -26.46 -27.57
CA ASN B 383 5.02 -26.87 -28.83
C ASN B 383 4.28 -25.71 -29.48
N GLY B 384 3.72 -25.97 -30.65
CA GLY B 384 2.86 -25.02 -31.34
C GLY B 384 1.91 -24.29 -30.42
N GLU B 385 1.17 -25.05 -29.62
CA GLU B 385 0.23 -24.52 -28.61
C GLU B 385 0.89 -23.47 -27.71
N THR B 386 2.13 -23.77 -27.31
CA THR B 386 2.95 -22.88 -26.50
C THR B 386 3.35 -21.66 -27.32
N GLN B 387 3.72 -21.87 -28.57
CA GLN B 387 4.01 -20.75 -29.48
C GLN B 387 2.82 -19.79 -29.67
N GLN B 388 1.59 -20.29 -29.52
CA GLN B 388 0.40 -19.46 -29.66
C GLN B 388 0.23 -18.57 -28.46
N ALA B 389 0.24 -19.17 -27.28
CA ALA B 389 0.13 -18.42 -26.05
C ALA B 389 1.22 -17.37 -26.00
N HIS B 390 2.43 -17.74 -26.41
CA HIS B 390 3.53 -16.79 -26.50
C HIS B 390 3.06 -15.64 -27.38
N LEU B 391 2.62 -15.99 -28.60
CA LEU B 391 2.00 -15.05 -29.52
C LEU B 391 0.90 -14.25 -28.84
N GLN B 392 -0.02 -14.96 -28.18
CA GLN B 392 -1.17 -14.35 -27.54
C GLN B 392 -0.73 -13.36 -26.46
N ALA B 393 0.26 -13.74 -25.67
CA ALA B 393 0.81 -12.86 -24.65
C ALA B 393 1.43 -11.64 -25.30
N ILE B 394 2.10 -11.83 -26.43
CA ILE B 394 2.73 -10.70 -27.12
C ILE B 394 1.66 -9.80 -27.73
N LYS B 395 0.58 -10.39 -28.23
CA LYS B 395 -0.55 -9.62 -28.72
C LYS B 395 -1.04 -8.66 -27.64
N GLU B 396 -1.43 -9.20 -26.51
CA GLU B 396 -2.04 -8.43 -25.42
C GLU B 396 -1.17 -7.30 -24.88
N LEU B 397 0.14 -7.54 -24.79
CA LEU B 397 1.11 -6.54 -24.38
C LEU B 397 1.07 -5.32 -25.29
N ILE B 398 1.37 -5.56 -26.57
CA ILE B 398 1.40 -4.51 -27.58
C ILE B 398 0.04 -3.83 -27.64
N ALA B 399 -1.02 -4.61 -27.49
CA ALA B 399 -2.38 -4.06 -27.47
C ALA B 399 -2.50 -3.02 -26.36
N ARG B 400 -1.89 -3.31 -25.21
CA ARG B 400 -1.93 -2.40 -24.07
C ARG B 400 -0.94 -1.23 -24.19
N ASP B 401 0.30 -1.52 -24.57
CA ASP B 401 1.39 -0.53 -24.47
C ASP B 401 1.79 0.14 -25.77
N LYS B 402 1.16 -0.25 -26.88
CA LYS B 402 1.46 0.31 -28.20
C LYS B 402 1.45 1.83 -28.21
N ASN B 403 0.61 2.43 -27.38
CA ASN B 403 0.46 3.88 -27.38
C ASN B 403 1.35 4.63 -26.39
N HIS B 404 1.89 3.90 -25.42
CA HIS B 404 2.83 4.48 -24.47
C HIS B 404 4.16 4.85 -25.12
N PRO B 405 4.44 6.16 -25.22
CA PRO B 405 5.68 6.66 -25.83
C PRO B 405 6.94 6.20 -25.09
N SER B 406 6.88 6.04 -23.77
CA SER B 406 8.04 5.57 -22.99
C SER B 406 8.63 4.24 -23.47
N VAL B 407 7.79 3.38 -24.03
CA VAL B 407 8.25 2.11 -24.59
C VAL B 407 9.02 2.35 -25.88
N VAL B 408 10.33 2.08 -25.83
CA VAL B 408 11.16 2.23 -27.02
C VAL B 408 11.25 0.93 -27.80
N MET B 409 11.08 -0.19 -27.11
CA MET B 409 11.39 -1.50 -27.66
C MET B 409 10.62 -2.62 -26.98
N TRP B 410 10.19 -3.60 -27.77
CA TRP B 410 9.61 -4.83 -27.22
C TRP B 410 10.70 -5.85 -26.92
N SER B 411 10.60 -6.46 -25.74
CA SER B 411 11.37 -7.67 -25.43
C SER B 411 10.43 -8.87 -25.48
N ILE B 412 10.54 -9.61 -26.55
CA ILE B 412 9.68 -10.74 -26.82
C ILE B 412 9.80 -11.85 -25.76
N ALA B 413 10.98 -11.97 -25.16
CA ALA B 413 11.21 -12.97 -24.12
C ALA B 413 12.54 -12.81 -23.41
N ASN B 414 12.65 -13.45 -22.25
CA ASN B 414 13.88 -13.45 -21.46
C ASN B 414 14.50 -14.83 -21.35
N GLU B 415 15.72 -14.94 -21.89
CA GLU B 415 16.62 -16.09 -21.68
C GLU B 415 16.14 -17.47 -22.15
N PRO B 416 15.64 -17.57 -23.38
CA PRO B 416 15.31 -18.91 -23.84
C PRO B 416 16.61 -19.63 -24.15
N ASP B 417 16.59 -20.95 -24.04
CA ASP B 417 17.72 -21.76 -24.49
C ASP B 417 17.58 -21.98 -25.98
N THR B 418 18.51 -21.40 -26.73
CA THR B 418 18.48 -21.43 -28.20
C THR B 418 19.41 -22.47 -28.80
N ARG B 419 20.12 -23.21 -27.95
CA ARG B 419 21.00 -24.29 -28.40
C ARG B 419 20.25 -25.51 -28.93
N PRO B 420 19.12 -25.90 -28.28
CA PRO B 420 18.41 -27.07 -28.81
C PRO B 420 17.91 -26.86 -30.24
N GLN B 421 17.58 -27.97 -30.88
CA GLN B 421 17.09 -27.93 -32.26
C GLN B 421 15.68 -27.35 -32.29
N GLY B 422 15.45 -26.43 -33.22
CA GLY B 422 14.13 -25.84 -33.37
C GLY B 422 13.98 -24.48 -32.74
N ALA B 423 14.99 -24.05 -31.98
CA ALA B 423 14.96 -22.74 -31.34
C ALA B 423 14.70 -21.63 -32.36
N ARG B 424 15.44 -21.67 -33.47
CA ARG B 424 15.30 -20.69 -34.53
C ARG B 424 13.95 -20.82 -35.22
N GLU B 425 13.49 -22.05 -35.43
CA GLU B 425 12.16 -22.27 -36.02
C GLU B 425 11.09 -21.64 -35.13
N TYR B 426 11.33 -21.65 -33.82
CA TYR B 426 10.33 -21.22 -32.87
C TYR B 426 10.25 -19.70 -32.83
N PHE B 427 11.40 -19.05 -32.82
CA PHE B 427 11.44 -17.61 -32.63
C PHE B 427 11.31 -16.75 -33.91
N ALA B 428 11.66 -17.30 -35.06
CA ALA B 428 11.54 -16.57 -36.34
C ALA B 428 10.11 -16.10 -36.66
N PRO B 429 9.10 -16.99 -36.50
CA PRO B 429 7.72 -16.64 -36.79
C PRO B 429 7.13 -15.67 -35.78
N LEU B 430 7.48 -15.84 -34.50
CA LEU B 430 7.01 -14.90 -33.47
C LEU B 430 7.65 -13.53 -33.67
N ALA B 431 8.93 -13.51 -34.03
CA ALA B 431 9.60 -12.28 -34.44
C ALA B 431 8.83 -11.62 -35.57
N GLU B 432 8.47 -12.40 -36.60
CA GLU B 432 7.67 -11.93 -37.74
C GLU B 432 6.40 -11.25 -37.24
N ALA B 433 5.59 -12.01 -36.50
CA ALA B 433 4.27 -11.58 -36.07
C ALA B 433 4.34 -10.29 -35.25
N THR B 434 5.41 -10.14 -34.47
CA THR B 434 5.58 -8.96 -33.64
C THR B 434 5.95 -7.74 -34.47
N ARG B 435 6.90 -7.88 -35.40
CA ARG B 435 7.29 -6.75 -36.26
C ARG B 435 6.08 -6.16 -36.97
N LYS B 436 5.16 -7.03 -37.36
CA LYS B 436 3.92 -6.60 -38.01
C LYS B 436 2.98 -5.94 -37.00
N LEU B 437 2.93 -6.49 -35.79
CA LEU B 437 2.03 -5.99 -34.75
C LEU B 437 2.37 -4.58 -34.26
N ASP B 438 3.66 -4.28 -34.19
CA ASP B 438 4.12 -2.91 -34.04
C ASP B 438 5.36 -2.70 -34.90
N PRO B 439 5.17 -2.11 -36.10
CA PRO B 439 6.31 -1.74 -36.93
C PRO B 439 7.10 -0.56 -36.38
N THR B 440 6.49 0.21 -35.46
CA THR B 440 7.09 1.46 -34.98
C THR B 440 8.28 1.30 -34.02
N ARG B 441 8.29 0.21 -33.27
CA ARG B 441 9.34 -0.01 -32.27
C ARG B 441 10.21 -1.22 -32.58
N PRO B 442 11.53 -1.12 -32.34
CA PRO B 442 12.44 -2.25 -32.43
C PRO B 442 12.04 -3.39 -31.50
N ILE B 443 12.63 -4.55 -31.73
CA ILE B 443 12.18 -5.76 -31.09
C ILE B 443 13.40 -6.56 -30.63
N THR B 444 13.31 -7.20 -29.47
CA THR B 444 14.45 -7.95 -28.92
C THR B 444 14.08 -9.25 -28.24
N CYS B 445 15.10 -10.08 -28.01
CA CYS B 445 15.00 -11.27 -27.18
C CYS B 445 16.26 -11.31 -26.32
N VAL B 446 16.05 -11.30 -25.01
CA VAL B 446 17.13 -11.20 -24.04
C VAL B 446 17.88 -12.55 -23.90
N ASN B 447 19.21 -12.47 -23.99
CA ASN B 447 20.04 -13.66 -24.16
C ASN B 447 20.82 -14.08 -22.92
N VAL B 448 20.79 -15.39 -22.64
CA VAL B 448 21.46 -16.00 -21.48
C VAL B 448 22.96 -16.23 -21.77
N MET B 449 23.77 -16.30 -20.70
CA MET B 449 25.22 -16.45 -20.83
C MET B 449 25.65 -17.65 -21.65
N PHE B 450 25.05 -18.81 -21.42
CA PHE B 450 25.54 -20.03 -22.07
C PHE B 450 25.18 -20.17 -23.56
N CYS B 451 24.29 -19.31 -24.04
CA CYS B 451 24.05 -19.18 -25.48
C CYS B 451 24.87 -17.93 -25.75
N ASP B 452 26.15 -18.12 -26.07
CA ASP B 452 27.08 -17.00 -26.27
C ASP B 452 27.23 -16.83 -27.78
N ALA B 453 28.00 -15.82 -28.19
CA ALA B 453 28.18 -15.46 -29.60
C ALA B 453 28.33 -16.61 -30.57
N HIS B 454 29.15 -17.59 -30.20
CA HIS B 454 29.50 -18.70 -31.09
C HIS B 454 28.45 -19.80 -31.07
N THR B 455 27.73 -19.90 -29.96
CA THR B 455 26.77 -20.97 -29.75
C THR B 455 25.34 -20.55 -30.06
N ASP B 456 25.07 -19.26 -29.92
CA ASP B 456 23.72 -18.72 -30.03
C ASP B 456 23.21 -18.68 -31.45
N THR B 457 22.06 -19.31 -31.66
CA THR B 457 21.28 -19.12 -32.88
C THR B 457 20.33 -17.97 -32.56
N ILE B 458 19.62 -17.46 -33.56
CA ILE B 458 18.44 -16.62 -33.31
C ILE B 458 18.72 -15.25 -32.66
N SER B 459 19.80 -14.58 -33.07
CA SER B 459 20.17 -13.28 -32.46
C SER B 459 19.91 -12.36 -33.65
N ASP B 460 19.97 -12.93 -34.86
CA ASP B 460 19.89 -12.13 -36.08
C ASP B 460 18.49 -11.61 -36.42
N LEU B 461 17.47 -12.21 -35.81
CA LEU B 461 16.08 -11.85 -36.09
C LEU B 461 15.63 -10.65 -35.26
N PHE B 462 16.57 -10.08 -34.51
CA PHE B 462 16.24 -8.99 -33.61
C PHE B 462 17.14 -7.80 -33.87
N ASP B 463 16.65 -6.62 -33.52
CA ASP B 463 17.26 -5.36 -33.89
C ASP B 463 18.29 -4.90 -32.90
N VAL B 464 18.12 -5.32 -31.65
CA VAL B 464 19.03 -4.91 -30.59
C VAL B 464 19.44 -6.13 -29.79
N LEU B 465 20.73 -6.18 -29.46
CA LEU B 465 21.29 -7.26 -28.71
C LEU B 465 21.21 -6.95 -27.21
N CYS B 466 20.38 -7.72 -26.51
CA CYS B 466 20.19 -7.56 -25.07
C CYS B 466 20.81 -8.74 -24.32
N LEU B 467 21.89 -8.46 -23.59
CA LEU B 467 22.70 -9.52 -22.98
C LEU B 467 22.68 -9.53 -21.44
N ASN B 468 22.35 -10.68 -20.87
CA ASN B 468 22.44 -10.86 -19.44
C ASN B 468 23.73 -11.56 -19.15
N ARG B 469 24.68 -10.86 -18.54
CA ARG B 469 25.98 -11.49 -18.38
C ARG B 469 26.52 -11.45 -16.97
N TYR B 470 27.10 -12.58 -16.56
CA TYR B 470 27.47 -12.87 -15.19
C TYR B 470 28.94 -13.27 -14.97
N TYR B 471 29.78 -13.13 -15.99
CA TYR B 471 31.17 -13.53 -15.85
C TYR B 471 31.75 -12.89 -14.58
N GLY B 472 32.49 -13.68 -13.82
CA GLY B 472 32.94 -13.25 -12.50
C GLY B 472 32.02 -13.69 -11.36
N TRP B 473 30.78 -14.05 -11.70
CA TRP B 473 29.87 -14.49 -10.65
C TRP B 473 29.31 -15.91 -10.68
N TYR B 474 29.13 -16.48 -11.87
CA TYR B 474 28.58 -17.84 -11.98
C TYR B 474 29.76 -18.60 -12.53
N VAL B 475 30.55 -17.92 -13.34
CA VAL B 475 31.78 -18.47 -13.90
C VAL B 475 32.85 -17.45 -13.57
N GLN B 476 34.12 -17.83 -13.72
CA GLN B 476 35.22 -16.99 -13.24
C GLN B 476 34.86 -16.47 -11.85
N SER B 477 34.27 -17.35 -11.04
CA SER B 477 33.69 -16.94 -9.76
C SER B 477 34.71 -16.25 -8.90
N GLY B 478 34.48 -14.96 -8.66
CA GLY B 478 35.35 -14.14 -7.83
C GLY B 478 36.58 -13.58 -8.54
N ASP B 479 36.73 -13.85 -9.83
CA ASP B 479 37.95 -13.48 -10.55
C ASP B 479 37.70 -12.32 -11.52
N LEU B 480 37.91 -11.09 -11.05
CA LEU B 480 37.71 -9.91 -11.88
C LEU B 480 38.60 -9.92 -13.13
N GLU B 481 39.84 -10.36 -12.97
CA GLU B 481 40.84 -10.30 -14.04
C GLU B 481 40.51 -11.14 -15.27
N THR B 482 40.22 -12.41 -15.06
CA THR B 482 39.83 -13.29 -16.16
C THR B 482 38.41 -12.95 -16.65
N ALA B 483 37.53 -12.58 -15.73
CA ALA B 483 36.15 -12.23 -16.07
C ALA B 483 36.11 -11.03 -16.99
N GLU B 484 36.97 -10.06 -16.75
CA GLU B 484 37.13 -8.90 -17.64
C GLU B 484 37.51 -9.25 -19.09
N LYS B 485 38.39 -10.24 -19.25
CA LYS B 485 38.88 -10.62 -20.56
C LYS B 485 37.78 -11.36 -21.29
N VAL B 486 37.24 -12.38 -20.63
CA VAL B 486 36.13 -13.14 -21.16
C VAL B 486 35.03 -12.20 -21.61
N LEU B 487 34.72 -11.21 -20.76
CA LEU B 487 33.67 -10.24 -21.07
C LEU B 487 33.99 -9.41 -22.30
N GLU B 488 35.19 -8.83 -22.36
CA GLU B 488 35.59 -8.03 -23.51
C GLU B 488 35.59 -8.86 -24.80
N LYS B 489 36.39 -9.92 -24.84
CA LYS B 489 36.41 -10.84 -25.98
C LYS B 489 34.98 -11.23 -26.36
N GLU B 490 34.15 -11.55 -25.36
CA GLU B 490 32.74 -11.85 -25.58
C GLU B 490 32.05 -10.71 -26.31
N LEU B 491 32.13 -9.49 -25.75
CA LEU B 491 31.44 -8.33 -26.32
C LEU B 491 31.94 -7.95 -27.71
N LEU B 492 33.25 -8.07 -27.90
CA LEU B 492 33.85 -7.81 -29.21
C LEU B 492 33.41 -8.89 -30.18
N ALA B 493 33.48 -10.15 -29.76
CA ALA B 493 32.99 -11.25 -30.57
C ALA B 493 31.54 -11.03 -30.99
N TRP B 494 30.88 -10.09 -30.33
CA TRP B 494 29.49 -9.79 -30.60
C TRP B 494 29.30 -8.69 -31.64
N GLN B 495 30.27 -7.78 -31.70
CA GLN B 495 30.30 -6.71 -32.68
C GLN B 495 30.61 -7.26 -34.07
N GLU B 496 31.33 -8.37 -34.12
CA GLU B 496 31.70 -9.02 -35.37
C GLU B 496 30.53 -9.81 -35.97
N LYS B 497 29.96 -10.72 -35.17
CA LYS B 497 28.91 -11.63 -35.64
C LYS B 497 27.76 -10.80 -36.18
N LEU B 498 27.56 -9.67 -35.52
CA LEU B 498 26.53 -8.72 -35.88
C LEU B 498 27.09 -7.34 -35.59
N HIS B 499 26.55 -6.31 -36.21
CA HIS B 499 26.93 -4.96 -35.85
C HIS B 499 25.64 -4.31 -35.45
N GLN B 500 25.13 -4.85 -34.35
CA GLN B 500 23.83 -4.53 -33.84
C GLN B 500 24.08 -3.78 -32.55
N PRO B 501 23.16 -2.88 -32.16
CA PRO B 501 23.29 -2.17 -30.89
C PRO B 501 23.30 -3.18 -29.74
N ILE B 502 24.26 -3.04 -28.84
CA ILE B 502 24.37 -3.91 -27.68
C ILE B 502 23.92 -3.21 -26.42
N ILE B 503 22.94 -3.78 -25.73
CA ILE B 503 22.59 -3.34 -24.37
C ILE B 503 22.81 -4.49 -23.40
N ILE B 504 23.50 -4.23 -22.30
CA ILE B 504 23.60 -5.23 -21.27
C ILE B 504 22.38 -5.04 -20.36
N THR B 505 21.42 -5.95 -20.53
CA THR B 505 20.17 -5.92 -19.80
C THR B 505 20.29 -6.42 -18.35
N GLU B 506 21.24 -7.29 -18.10
CA GLU B 506 21.53 -7.73 -16.73
C GLU B 506 23.03 -7.87 -16.49
N TYR B 507 23.53 -7.17 -15.49
CA TYR B 507 24.87 -7.47 -14.98
C TYR B 507 24.84 -7.24 -13.49
N GLY B 508 25.12 -8.27 -12.71
CA GLY B 508 24.91 -8.17 -11.26
C GLY B 508 25.48 -9.29 -10.41
N VAL B 509 25.63 -9.00 -9.11
CA VAL B 509 26.20 -9.96 -8.16
C VAL B 509 25.43 -9.97 -6.82
N ASP B 510 25.19 -11.15 -6.28
CA ASP B 510 24.50 -11.20 -5.01
C ASP B 510 25.39 -10.52 -4.00
N THR B 511 24.76 -9.71 -3.14
CA THR B 511 25.52 -8.98 -2.17
C THR B 511 24.64 -8.83 -0.97
N LEU B 512 25.19 -9.25 0.17
CA LEU B 512 24.52 -9.15 1.46
C LEU B 512 24.71 -7.77 2.04
N ALA B 513 23.64 -6.99 2.11
CA ALA B 513 23.76 -5.69 2.78
C ALA B 513 24.43 -5.95 4.13
N GLY B 514 25.50 -5.23 4.39
CA GLY B 514 26.22 -5.32 5.65
C GLY B 514 27.37 -6.29 5.65
N LEU B 515 27.54 -7.05 4.57
CA LEU B 515 28.71 -7.93 4.49
C LEU B 515 29.85 -7.12 3.91
N HIS B 516 30.90 -6.98 4.70
CA HIS B 516 32.04 -6.13 4.35
C HIS B 516 33.29 -6.96 4.40
N SER B 517 34.21 -6.71 3.45
CA SER B 517 35.41 -7.51 3.37
C SER B 517 36.60 -6.73 2.90
N MET B 518 37.72 -6.97 3.57
CA MET B 518 38.99 -6.38 3.19
C MET B 518 39.53 -7.09 1.98
N TYR B 519 39.09 -8.33 1.78
CA TYR B 519 39.51 -9.18 0.68
C TYR B 519 38.72 -8.94 -0.60
N THR B 520 37.68 -8.10 -0.50
CA THR B 520 36.82 -7.73 -1.65
C THR B 520 36.38 -8.94 -2.47
N ASP B 521 35.80 -9.91 -1.75
CA ASP B 521 35.37 -11.18 -2.30
C ASP B 521 33.83 -11.28 -2.41
N MET B 522 33.37 -12.32 -3.10
CA MET B 522 31.97 -12.56 -3.42
C MET B 522 31.02 -12.40 -2.22
N TRP B 523 29.85 -11.79 -2.50
CA TRP B 523 28.81 -11.54 -1.51
C TRP B 523 29.31 -10.53 -0.49
N SER B 524 29.99 -9.48 -0.90
CA SER B 524 30.47 -8.49 0.04
C SER B 524 30.05 -7.23 -0.69
N GLU B 525 29.71 -6.20 0.06
CA GLU B 525 29.42 -4.89 -0.56
C GLU B 525 30.53 -4.42 -1.49
N GLU B 526 31.77 -4.66 -1.06
CA GLU B 526 32.94 -4.19 -1.80
C GLU B 526 32.98 -4.84 -3.17
N TYR B 527 32.82 -6.16 -3.20
CA TYR B 527 32.86 -6.89 -4.44
C TYR B 527 31.86 -6.36 -5.46
N GLN B 528 30.61 -6.19 -5.03
CA GLN B 528 29.61 -5.58 -5.89
C GLN B 528 30.16 -4.32 -6.54
N CYS B 529 30.83 -3.50 -5.76
CA CYS B 529 31.36 -2.24 -6.26
C CYS B 529 32.46 -2.48 -7.29
N ALA B 530 33.43 -3.32 -6.91
CA ALA B 530 34.56 -3.65 -7.76
C ALA B 530 34.09 -4.29 -9.06
N TRP B 531 33.15 -5.21 -8.96
CA TRP B 531 32.64 -5.90 -10.14
C TRP B 531 31.87 -4.97 -11.07
N LEU B 532 31.00 -4.13 -10.48
CA LEU B 532 30.21 -3.22 -11.30
C LEU B 532 31.14 -2.25 -12.02
N ASP B 533 32.22 -1.91 -11.32
CA ASP B 533 33.26 -1.03 -11.80
C ASP B 533 33.92 -1.66 -13.01
N MET B 534 34.19 -2.95 -12.90
CA MET B 534 34.92 -3.70 -13.92
C MET B 534 34.10 -3.80 -15.20
N TYR B 535 32.82 -4.17 -15.09
CA TYR B 535 31.96 -4.18 -16.26
C TYR B 535 31.97 -2.82 -16.93
N HIS B 536 32.02 -1.77 -16.11
CA HIS B 536 32.03 -0.39 -16.62
C HIS B 536 33.23 -0.04 -17.50
N ARG B 537 34.43 -0.39 -17.03
CA ARG B 537 35.64 -0.17 -17.82
C ARG B 537 35.56 -0.89 -19.18
N VAL B 538 35.11 -2.14 -19.18
CA VAL B 538 34.92 -2.91 -20.40
C VAL B 538 33.81 -2.29 -21.23
N PHE B 539 32.63 -2.14 -20.63
CA PHE B 539 31.48 -1.56 -21.31
C PHE B 539 31.86 -0.37 -22.17
N ASP B 540 32.64 0.53 -21.58
CA ASP B 540 33.02 1.79 -22.22
C ASP B 540 33.81 1.57 -23.50
N ARG B 541 34.77 0.65 -23.44
CA ARG B 541 35.66 0.37 -24.57
C ARG B 541 34.95 -0.14 -25.82
N VAL B 542 33.76 -0.69 -25.64
CA VAL B 542 33.02 -1.25 -26.76
C VAL B 542 32.04 -0.22 -27.31
N SER B 543 32.37 0.28 -28.50
CA SER B 543 31.55 1.23 -29.24
C SER B 543 30.12 0.72 -29.40
N ALA B 544 30.00 -0.59 -29.59
CA ALA B 544 28.71 -1.24 -29.81
C ALA B 544 27.75 -1.17 -28.61
N VAL B 545 28.31 -1.02 -27.40
CA VAL B 545 27.50 -1.00 -26.18
C VAL B 545 26.71 0.30 -26.06
N VAL B 546 25.41 0.15 -26.21
CA VAL B 546 24.45 1.25 -26.17
C VAL B 546 23.91 1.45 -24.75
N GLY B 547 24.03 0.43 -23.89
CA GLY B 547 23.46 0.56 -22.56
C GLY B 547 23.91 -0.40 -21.46
N GLU B 548 23.58 0.01 -20.23
CA GLU B 548 23.78 -0.73 -18.99
C GLU B 548 22.44 -0.75 -18.26
N GLN B 549 21.98 -1.94 -17.89
CA GLN B 549 20.90 -2.09 -16.95
C GLN B 549 21.28 -3.10 -15.89
N VAL B 550 21.51 -2.59 -14.69
CA VAL B 550 21.98 -3.39 -13.60
C VAL B 550 20.91 -4.38 -13.15
N TRP B 551 21.36 -5.60 -12.86
CA TRP B 551 20.50 -6.56 -12.21
C TRP B 551 20.68 -6.47 -10.73
N ASN B 552 19.58 -6.85 -10.13
CA ASN B 552 18.46 -5.97 -9.89
C ASN B 552 18.49 -4.64 -9.15
N PHE B 553 17.50 -3.83 -9.48
CA PHE B 553 17.14 -2.66 -8.70
C PHE B 553 17.12 -2.95 -7.19
N ALA B 554 16.35 -3.95 -6.78
CA ALA B 554 16.29 -4.30 -5.37
C ALA B 554 16.14 -5.78 -5.15
N ASP B 555 16.65 -6.25 -4.02
CA ASP B 555 16.48 -7.63 -3.60
C ASP B 555 15.01 -8.02 -3.72
N PHE B 556 14.75 -9.26 -4.12
CA PHE B 556 13.40 -9.72 -4.37
C PHE B 556 13.28 -11.21 -4.10
N ALA B 557 12.07 -11.68 -3.81
CA ALA B 557 11.89 -13.08 -3.48
C ALA B 557 12.06 -14.05 -4.66
N THR B 558 12.51 -15.27 -4.36
CA THR B 558 12.63 -16.38 -5.33
C THR B 558 12.11 -17.63 -4.63
N SER B 559 11.87 -18.70 -5.36
CA SER B 559 11.57 -19.95 -4.69
C SER B 559 12.80 -20.40 -3.92
N GLN B 560 12.59 -21.25 -2.92
CA GLN B 560 13.65 -21.66 -2.02
C GLN B 560 14.72 -22.46 -2.73
N GLY B 561 15.97 -22.27 -2.32
CA GLY B 561 17.03 -23.12 -2.79
C GLY B 561 18.37 -22.71 -2.28
N ILE B 562 19.34 -23.60 -2.44
CA ILE B 562 20.70 -23.40 -1.96
C ILE B 562 21.43 -22.24 -2.62
N LEU B 563 20.89 -21.69 -3.72
CA LEU B 563 21.55 -20.58 -4.39
C LEU B 563 20.95 -19.23 -4.02
N ARG B 564 19.89 -19.24 -3.25
CA ARG B 564 19.23 -17.98 -2.95
C ARG B 564 19.07 -17.82 -1.45
N VAL B 565 19.76 -16.84 -0.87
CA VAL B 565 19.70 -16.69 0.58
C VAL B 565 18.51 -15.93 1.15
N GLY B 566 18.26 -14.73 0.69
CA GLY B 566 17.09 -14.09 1.28
C GLY B 566 15.99 -14.46 0.31
N GLY B 567 16.41 -14.98 -0.83
CA GLY B 567 15.78 -14.74 -2.10
C GLY B 567 16.93 -14.24 -2.93
N ASN B 568 16.65 -13.50 -4.00
CA ASN B 568 17.72 -12.95 -4.84
C ASN B 568 18.33 -11.70 -4.22
N LYS B 569 19.65 -11.65 -4.12
CA LYS B 569 20.35 -10.56 -3.41
C LYS B 569 21.20 -9.66 -4.29
N LYS B 570 20.84 -9.54 -5.56
CA LYS B 570 21.62 -8.77 -6.53
C LYS B 570 21.16 -7.33 -6.60
N GLY B 571 20.27 -6.98 -5.68
CA GLY B 571 19.64 -5.68 -5.70
C GLY B 571 20.67 -4.65 -5.33
N ILE B 572 20.58 -3.48 -5.96
CA ILE B 572 21.41 -2.35 -5.59
C ILE B 572 20.83 -1.79 -4.29
N PHE B 573 19.53 -1.97 -4.12
CA PHE B 573 18.87 -1.65 -2.85
C PHE B 573 18.33 -2.94 -2.28
N THR B 574 18.18 -2.98 -0.96
CA THR B 574 17.50 -4.08 -0.31
C THR B 574 16.02 -4.00 -0.63
N ARG B 575 15.26 -5.03 -0.29
CA ARG B 575 13.82 -5.07 -0.52
C ARG B 575 13.08 -3.95 0.24
N ASP B 576 13.62 -3.51 1.36
CA ASP B 576 13.01 -2.41 2.06
C ASP B 576 13.58 -1.08 1.55
N ARG B 577 14.24 -1.14 0.40
CA ARG B 577 14.72 0.03 -0.35
C ARG B 577 15.88 0.79 0.28
N LYS B 578 16.72 0.07 1.01
CA LYS B 578 17.88 0.70 1.60
C LYS B 578 19.11 0.43 0.74
N PRO B 579 19.91 1.48 0.50
CA PRO B 579 20.98 1.39 -0.46
C PRO B 579 22.14 0.56 0.06
N LYS B 580 22.75 -0.20 -0.84
CA LYS B 580 24.02 -0.87 -0.59
C LYS B 580 25.07 0.09 -1.12
N SER B 581 26.32 -0.06 -0.69
CA SER B 581 27.37 0.87 -1.11
C SER B 581 27.42 1.05 -2.62
N ALA B 582 26.95 0.05 -3.36
CA ALA B 582 26.97 0.13 -4.83
C ALA B 582 25.97 1.14 -5.38
N ALA B 583 25.00 1.55 -4.56
CA ALA B 583 24.06 2.59 -4.98
C ALA B 583 24.76 3.92 -5.22
N PHE B 584 25.84 4.15 -4.48
CA PHE B 584 26.61 5.37 -4.59
C PHE B 584 27.62 5.36 -5.75
N LEU B 585 28.08 4.16 -6.09
CA LEU B 585 28.95 3.90 -7.22
C LEU B 585 28.18 4.24 -8.50
N LEU B 586 26.96 3.72 -8.60
CA LEU B 586 26.10 3.96 -9.77
C LEU B 586 25.65 5.41 -9.88
N GLN B 587 25.25 5.96 -8.74
CA GLN B 587 24.89 7.36 -8.60
C GLN B 587 25.92 8.26 -9.30
N LYS B 588 27.17 8.08 -8.90
CA LYS B 588 28.31 8.88 -9.35
C LYS B 588 28.58 8.76 -10.85
N ARG B 589 28.56 7.53 -11.37
CA ARG B 589 28.68 7.33 -12.81
C ARG B 589 27.50 7.91 -13.55
N TRP B 590 26.30 7.47 -13.20
CA TRP B 590 25.08 7.84 -13.92
C TRP B 590 24.67 9.32 -13.82
N THR B 591 25.24 10.05 -12.87
CA THR B 591 25.02 11.51 -12.85
C THR B 591 26.24 12.30 -13.33
N GLY B 592 27.41 11.66 -13.31
CA GLY B 592 28.65 12.25 -13.83
C GLY B 592 28.72 12.19 -15.35
N MET B 593 27.76 11.49 -15.95
CA MET B 593 27.59 11.42 -17.39
C MET B 593 26.89 12.65 -17.93
N ASN B 594 26.94 12.81 -19.26
CA ASN B 594 25.99 13.64 -19.98
C ASN B 594 24.75 12.78 -20.26
N PHE B 595 23.57 13.38 -20.16
CA PHE B 595 22.32 12.65 -20.32
C PHE B 595 22.16 11.95 -21.66
N GLY B 596 21.82 10.65 -21.59
CA GLY B 596 21.51 9.83 -22.77
C GLY B 596 22.72 9.50 -23.62
N GLU B 597 23.91 9.72 -23.07
CA GLU B 597 25.15 9.70 -23.83
C GLU B 597 26.07 8.63 -23.29
N LYS B 598 27.13 8.31 -24.04
CA LYS B 598 28.12 7.33 -23.63
C LYS B 598 29.35 8.08 -23.01
N PRO B 599 30.04 7.46 -22.02
CA PRO B 599 31.31 8.01 -21.56
C PRO B 599 32.31 7.93 -22.72
N GLN B 600 33.33 8.76 -22.57
CA GLN B 600 34.55 8.74 -23.33
C GLN B 600 34.99 7.42 -22.79
N GLN B 601 35.66 6.64 -23.61
CA GLN B 601 35.84 5.22 -23.30
C GLN B 601 36.88 5.44 -22.19
N GLY B 602 36.92 6.68 -21.72
CA GLY B 602 37.82 7.13 -20.67
C GLY B 602 37.27 8.38 -20.00
N GLY B 603 37.36 8.41 -18.67
CA GLY B 603 36.85 9.51 -17.82
C GLY B 603 35.93 10.53 -18.47
#